data_3E01
#
_entry.id   3E01
#
_cell.length_a   117.897
_cell.length_b   152.277
_cell.length_c   153.987
_cell.angle_alpha   90.00
_cell.angle_beta   90.00
_cell.angle_gamma   90.00
#
_symmetry.space_group_name_H-M   'C 2 2 21'
#
loop_
_entity.id
_entity.type
_entity.pdbx_description
1 polymer 'Gag-Pol polyprotein'
2 polymer 'Gag-Pol polyprotein'
3 non-polymer 3-[2-bromo-4-(1H-pyrazolo[3,4-c]pyridazin-3-ylmethyl)phenoxy]-5-methylbenzonitrile
#
loop_
_entity_poly.entity_id
_entity_poly.type
_entity_poly.pdbx_seq_one_letter_code
_entity_poly.pdbx_strand_id
1 'polypeptide(L)'
;PISPIETVPVKLKPGMDGPKVKQWPLTEEKIKALVEICTEMEKEGKISKIGPENPYNTPVFAIKKKDSTKWRKLVDFREL
NKRTQDFWEVQLGIPHPAGLKKKKSVTVLDVGDAYFSVPLDEDFRKYTAFTIPSINNETPGIRYQYNVLPQGWKGSPAIF
QSSMTKILEPFRKQNPDIVIYQYMDDLYVGSDLEIGQHRTKIEELRQHLLRWGLTTPDKKHQKEPPFLWMGYELHPDKWT
VQPIVLPEKDSWTVNDIQKLVGKLNWASQIYPGIKVRQLCKLLRGTKALTEVIPLTEEAELELAENREILKEPVHGVYYD
PSKDLIAEIQKQGQGQWTYQIYQEPFKNLKTGKYARMRGAHTNDVKQLTEAVQKITTESIVIWGKTPKFKLPIQKETWET
WWTEYWQATWIPEWEFVNTPPLVKLWYQLEKEPIVGAETFYVDGAANRETKLGKAGYVTNRGRQKVVTLTDTTNQKTELQ
AIYLALQDSGLEVNIVTDSQYALGIIQAQPDQSESELVNQIIEQLIKKEKVYLAWVPAHKGIGGNEQVDKLVSAGIRKVL
F
;
A
2 'polypeptide(L)'
;PISPIETVPVKLKPGMDGPKVKQWPLTEEKIKALVEICTEMEKEGKISKIGPENPYNTPVFAIKKKDSTKWRKLVDFREL
NKRTQDFWEVQLGIPHPAGLKKKKSVTVLDVGDAYFSVPLDEDFRKYTAFTIPSINNETPGIRYQYNVLPQGWKGSPAIF
QSSMTKILEPFRKQNPDIVIYQYMDDLYVGSDLEIGQHRTKIEELRQHLLRWGLTTPDKKHQKEPPFLWMGYELHPDKWT
VQPIVLPEKDSWTVNDIQKLVGKLNWASQIYPGIKVRQLCKLLRGTKALTEVIPLTEEAELELAENREILKEPVHGVYYD
PSKDLIAEIQKQGQGQWTYQIYQEPFKNLKTGKYARMRGAHTNDVKQLTEAVQKITTESIVIWGKTPKFKLPIQKETWET
WWTEYWQATWIPEWEFVNTPPLVKLWYQLEKEPIVGAETF
;
B
#
loop_
_chem_comp.id
_chem_comp.type
_chem_comp.name
_chem_comp.formula
PZ2 non-polymer 3-[2-bromo-4-(1H-pyrazolo[3,4-c]pyridazin-3-ylmethyl)phenoxy]-5-methylbenzonitrile 'C20 H14 Br N5 O'
#
# COMPACT_ATOMS: atom_id res chain seq x y z
N PRO A 1 31.36 -30.81 -3.77
CA PRO A 1 30.28 -31.78 -3.71
C PRO A 1 29.07 -31.40 -4.56
N ILE A 2 27.97 -32.13 -4.35
CA ILE A 2 26.67 -31.80 -4.90
C ILE A 2 25.65 -32.31 -3.89
N SER A 3 24.86 -31.41 -3.32
CA SER A 3 23.93 -31.77 -2.27
C SER A 3 23.07 -32.97 -2.66
N PRO A 4 22.85 -33.88 -1.70
CA PRO A 4 21.85 -34.94 -1.91
C PRO A 4 20.41 -34.44 -1.90
N ILE A 5 20.17 -33.23 -1.38
CA ILE A 5 18.81 -32.67 -1.29
C ILE A 5 18.04 -32.82 -2.59
N GLU A 6 16.80 -33.33 -2.50
CA GLU A 6 15.98 -33.57 -3.69
C GLU A 6 15.85 -32.32 -4.54
N THR A 7 15.95 -32.47 -5.86
CA THR A 7 15.91 -31.32 -6.75
C THR A 7 14.52 -30.69 -6.75
N VAL A 8 14.49 -29.38 -7.03
CA VAL A 8 13.22 -28.67 -7.14
C VAL A 8 12.77 -28.76 -8.60
N PRO A 9 11.52 -29.19 -8.84
CA PRO A 9 11.02 -29.34 -10.20
C PRO A 9 10.88 -28.00 -10.89
N VAL A 10 11.15 -27.97 -12.18
CA VAL A 10 11.32 -26.73 -12.92
C VAL A 10 10.74 -26.86 -14.33
N LYS A 11 9.63 -26.19 -14.58
CA LYS A 11 9.01 -26.18 -15.91
C LYS A 11 9.52 -25.02 -16.77
N LEU A 12 9.35 -25.15 -18.07
CA LEU A 12 9.41 -24.01 -18.96
C LEU A 12 8.07 -23.30 -18.93
N LYS A 13 8.00 -22.13 -19.57
CA LYS A 13 6.74 -21.38 -19.66
C LYS A 13 5.76 -22.16 -20.53
N PRO A 14 4.45 -22.13 -20.17
CA PRO A 14 3.46 -23.10 -20.67
C PRO A 14 3.47 -23.34 -22.18
N GLY A 15 3.50 -22.27 -22.96
CA GLY A 15 3.43 -22.39 -24.42
C GLY A 15 4.75 -22.71 -25.10
N MET A 16 5.84 -22.75 -24.34
CA MET A 16 7.17 -22.69 -24.90
C MET A 16 7.93 -24.03 -24.91
N ASP A 17 8.76 -24.19 -25.94
CA ASP A 17 9.71 -25.29 -26.04
C ASP A 17 11.08 -24.71 -25.72
N GLY A 18 12.04 -25.57 -25.38
CA GLY A 18 13.39 -25.14 -24.98
C GLY A 18 14.21 -24.50 -26.11
N PRO A 19 15.34 -23.85 -25.75
CA PRO A 19 16.12 -23.06 -26.69
C PRO A 19 16.86 -23.90 -27.73
N LYS A 20 16.86 -23.42 -28.97
CA LYS A 20 17.61 -24.06 -30.05
C LYS A 20 18.51 -22.99 -30.64
N VAL A 21 19.36 -22.42 -29.80
CA VAL A 21 20.23 -21.33 -30.23
C VAL A 21 21.52 -21.89 -30.82
N LYS A 22 21.86 -21.43 -32.02
CA LYS A 22 23.03 -21.89 -32.75
C LYS A 22 24.31 -21.50 -31.99
N GLN A 23 25.26 -22.43 -31.88
CA GLN A 23 26.57 -22.13 -31.31
C GLN A 23 27.40 -21.42 -32.36
N TRP A 24 27.95 -20.27 -32.00
CA TRP A 24 28.84 -19.52 -32.89
C TRP A 24 30.20 -20.20 -32.93
N PRO A 25 30.77 -20.39 -34.15
CA PRO A 25 32.14 -20.89 -34.28
C PRO A 25 33.16 -20.09 -33.48
N LEU A 26 33.74 -20.73 -32.46
CA LEU A 26 34.69 -20.09 -31.56
C LEU A 26 36.12 -20.34 -32.02
N THR A 27 37.07 -19.66 -31.41
CA THR A 27 38.48 -19.78 -31.75
C THR A 27 39.15 -20.91 -30.97
N GLU A 28 40.34 -21.33 -31.41
CA GLU A 28 41.03 -22.47 -30.79
C GLU A 28 41.35 -22.26 -29.32
N GLU A 29 41.94 -21.11 -28.97
CA GLU A 29 42.25 -20.80 -27.57
C GLU A 29 41.02 -21.05 -26.73
N LYS A 30 39.89 -20.54 -27.20
CA LYS A 30 38.62 -20.65 -26.50
C LYS A 30 38.12 -22.09 -26.52
N ILE A 31 38.07 -22.69 -27.70
CA ILE A 31 37.62 -24.09 -27.85
C ILE A 31 38.44 -24.99 -26.93
N LYS A 32 39.76 -24.75 -26.90
CA LYS A 32 40.65 -25.49 -26.02
C LYS A 32 40.28 -25.29 -24.56
N ALA A 33 40.23 -24.02 -24.14
CA ALA A 33 39.95 -23.67 -22.75
C ALA A 33 38.64 -24.26 -22.24
N LEU A 34 37.62 -24.27 -23.10
CA LEU A 34 36.32 -24.82 -22.73
C LEU A 34 36.43 -26.32 -22.48
N VAL A 35 37.02 -27.04 -23.43
CA VAL A 35 37.25 -28.48 -23.27
C VAL A 35 37.91 -28.74 -21.93
N GLU A 36 39.04 -28.06 -21.72
CA GLU A 36 39.80 -28.15 -20.47
C GLU A 36 38.93 -27.90 -19.24
N ILE A 37 38.15 -26.82 -19.28
CA ILE A 37 37.26 -26.47 -18.17
C ILE A 37 36.14 -27.50 -18.01
N CYS A 38 35.55 -27.92 -19.13
CA CYS A 38 34.45 -28.89 -19.11
C CYS A 38 34.87 -30.29 -18.68
N THR A 39 36.14 -30.63 -18.91
CA THR A 39 36.68 -31.88 -18.42
C THR A 39 36.64 -31.88 -16.90
N GLU A 40 37.39 -30.97 -16.29
CA GLU A 40 37.47 -30.90 -14.84
C GLU A 40 36.07 -30.79 -14.20
N MET A 41 35.17 -30.07 -14.86
CA MET A 41 33.79 -29.96 -14.40
C MET A 41 33.05 -31.28 -14.50
N GLU A 42 33.14 -31.91 -15.67
CA GLU A 42 32.52 -33.22 -15.91
C GLU A 42 32.92 -34.23 -14.84
N LYS A 43 34.23 -34.33 -14.59
CA LYS A 43 34.78 -35.29 -13.63
C LYS A 43 34.40 -35.01 -12.16
N GLU A 44 33.74 -33.87 -11.91
CA GLU A 44 33.20 -33.56 -10.58
C GLU A 44 31.67 -33.65 -10.51
N GLY A 45 31.03 -34.07 -11.60
CA GLY A 45 29.58 -34.29 -11.63
C GLY A 45 28.76 -33.05 -11.99
N LYS A 46 29.45 -31.97 -12.32
CA LYS A 46 28.81 -30.69 -12.60
C LYS A 46 28.07 -30.75 -13.93
N ILE A 47 28.70 -31.35 -14.94
CA ILE A 47 28.10 -31.55 -16.25
C ILE A 47 28.28 -32.98 -16.74
N SER A 48 27.54 -33.34 -17.79
CA SER A 48 27.56 -34.68 -18.34
C SER A 48 27.43 -34.64 -19.86
N LYS A 49 28.23 -35.45 -20.56
CA LYS A 49 28.15 -35.53 -22.02
C LYS A 49 26.82 -36.17 -22.46
N ILE A 50 26.37 -35.84 -23.66
CA ILE A 50 25.08 -36.32 -24.17
C ILE A 50 25.08 -36.62 -25.67
N GLY A 51 24.01 -37.26 -26.13
CA GLY A 51 23.89 -37.68 -27.53
C GLY A 51 23.41 -36.59 -28.46
N PRO A 52 23.25 -36.92 -29.76
CA PRO A 52 22.79 -35.97 -30.78
C PRO A 52 21.27 -35.89 -30.84
N GLU A 53 20.60 -36.81 -30.13
CA GLU A 53 19.15 -36.82 -30.02
C GLU A 53 18.62 -35.56 -29.35
N ASN A 54 19.33 -35.06 -28.34
CA ASN A 54 18.94 -33.83 -27.65
C ASN A 54 19.05 -32.65 -28.63
N PRO A 55 17.92 -31.97 -28.90
CA PRO A 55 17.87 -30.91 -29.92
C PRO A 55 18.24 -29.51 -29.43
N TYR A 56 18.51 -29.37 -28.13
CA TYR A 56 18.63 -28.05 -27.50
C TYR A 56 20.06 -27.53 -27.48
N ASN A 57 20.22 -26.22 -27.65
CA ASN A 57 21.52 -25.60 -27.54
C ASN A 57 21.49 -24.18 -26.97
N THR A 58 22.56 -23.85 -26.25
CA THR A 58 22.80 -22.51 -25.73
C THR A 58 24.24 -22.16 -26.08
N PRO A 59 24.48 -20.93 -26.60
CA PRO A 59 25.85 -20.50 -26.85
C PRO A 59 26.74 -20.59 -25.62
N VAL A 60 28.00 -20.95 -25.85
CA VAL A 60 29.03 -20.86 -24.82
C VAL A 60 30.16 -20.00 -25.33
N PHE A 61 30.68 -19.17 -24.44
CA PHE A 61 31.82 -18.34 -24.76
C PHE A 61 32.87 -18.54 -23.67
N ALA A 62 34.11 -18.22 -23.99
CA ALA A 62 35.20 -18.27 -23.01
C ALA A 62 35.84 -16.91 -22.98
N ILE A 63 36.25 -16.48 -21.79
CA ILE A 63 36.89 -15.17 -21.66
C ILE A 63 37.97 -15.18 -20.58
N LYS A 64 39.07 -14.51 -20.88
CA LYS A 64 40.15 -14.32 -19.92
C LYS A 64 39.65 -13.49 -18.74
N THR A 69 45.64 -15.08 -14.81
CA THR A 69 44.48 -14.94 -15.69
C THR A 69 44.50 -15.98 -16.82
N LYS A 70 43.49 -16.85 -16.98
CA LYS A 70 42.45 -17.27 -15.99
C LYS A 70 41.42 -18.18 -16.69
N TRP A 71 40.87 -17.69 -17.81
CA TRP A 71 39.83 -18.38 -18.60
C TRP A 71 38.54 -18.70 -17.84
N ARG A 72 37.45 -18.08 -18.28
CA ARG A 72 36.14 -18.28 -17.69
C ARG A 72 35.13 -18.73 -18.73
N LYS A 73 34.29 -19.66 -18.32
CA LYS A 73 33.22 -20.17 -19.13
C LYS A 73 32.00 -19.27 -18.94
N LEU A 74 31.54 -18.66 -20.02
CA LEU A 74 30.31 -17.86 -20.02
C LEU A 74 29.28 -18.56 -20.87
N VAL A 75 28.16 -18.92 -20.27
CA VAL A 75 27.02 -19.43 -21.01
C VAL A 75 26.05 -18.27 -21.25
N ASP A 76 25.52 -18.17 -22.46
CA ASP A 76 24.55 -17.14 -22.80
C ASP A 76 23.15 -17.73 -22.64
N PHE A 77 22.65 -17.71 -21.40
CA PHE A 77 21.36 -18.30 -21.07
C PHE A 77 20.12 -17.44 -21.40
N ARG A 78 20.31 -16.35 -22.14
CA ARG A 78 19.21 -15.42 -22.42
C ARG A 78 17.94 -16.11 -22.92
N GLU A 79 18.07 -16.94 -23.95
CA GLU A 79 16.91 -17.60 -24.55
C GLU A 79 16.25 -18.63 -23.63
N LEU A 80 17.05 -19.35 -22.85
CA LEU A 80 16.52 -20.31 -21.88
C LEU A 80 15.78 -19.58 -20.78
N ASN A 81 16.38 -18.48 -20.31
CA ASN A 81 15.77 -17.66 -19.26
C ASN A 81 14.39 -17.14 -19.67
N LYS A 82 14.29 -16.65 -20.90
CA LYS A 82 12.99 -16.27 -21.46
C LYS A 82 12.00 -17.43 -21.37
N ARG A 83 12.50 -18.64 -21.63
CA ARG A 83 11.66 -19.82 -21.75
C ARG A 83 11.39 -20.55 -20.44
N THR A 84 12.22 -20.33 -19.41
CA THR A 84 11.99 -21.02 -18.14
C THR A 84 10.93 -20.24 -17.35
N GLN A 85 10.29 -20.93 -16.42
CA GLN A 85 9.24 -20.33 -15.60
C GLN A 85 9.73 -19.14 -14.77
N ASP A 86 8.77 -18.37 -14.26
CA ASP A 86 9.03 -17.40 -13.19
C ASP A 86 9.14 -18.15 -11.89
N PHE A 87 9.99 -17.65 -11.00
CA PHE A 87 10.13 -18.20 -9.64
C PHE A 87 9.70 -17.14 -8.67
N TRP A 88 9.54 -17.51 -7.41
CA TRP A 88 9.18 -16.52 -6.41
C TRP A 88 10.37 -15.64 -6.11
N GLU A 89 10.07 -14.38 -5.78
CA GLU A 89 11.06 -13.42 -5.35
C GLU A 89 11.93 -14.02 -4.25
N VAL A 90 13.24 -13.92 -4.43
CA VAL A 90 14.19 -14.48 -3.47
C VAL A 90 13.92 -13.87 -2.09
N GLN A 91 14.00 -12.54 -2.00
CA GLN A 91 13.74 -11.81 -0.76
C GLN A 91 12.86 -10.57 -0.95
N LEU A 92 12.15 -10.20 0.12
CA LEU A 92 11.34 -8.97 0.17
C LEU A 92 12.22 -7.77 0.47
N GLY A 93 13.31 -7.99 1.22
CA GLY A 93 14.25 -6.93 1.57
C GLY A 93 15.59 -7.48 2.04
N ILE A 94 16.58 -6.60 2.11
CA ILE A 94 17.89 -6.92 2.69
C ILE A 94 17.88 -6.51 4.15
N PRO A 95 18.59 -7.24 5.03
CA PRO A 95 18.59 -6.82 6.44
C PRO A 95 19.26 -5.46 6.65
N HIS A 96 18.93 -4.79 7.75
CA HIS A 96 19.60 -3.56 8.10
C HIS A 96 20.37 -3.73 9.40
N PRO A 97 21.64 -3.32 9.42
CA PRO A 97 22.47 -3.40 10.61
C PRO A 97 21.73 -3.01 11.89
N ALA A 98 20.98 -1.92 11.83
CA ALA A 98 20.20 -1.42 12.96
C ALA A 98 19.25 -2.47 13.55
N GLY A 99 18.84 -3.44 12.73
CA GLY A 99 17.94 -4.50 13.17
C GLY A 99 18.66 -5.67 13.82
N LEU A 100 19.93 -5.84 13.47
CA LEU A 100 20.75 -6.92 14.01
C LEU A 100 20.87 -6.80 15.52
N LYS A 101 20.50 -7.87 16.23
CA LYS A 101 20.62 -7.93 17.68
C LYS A 101 22.07 -8.13 18.07
N LYS A 102 22.43 -7.66 19.27
CA LYS A 102 23.80 -7.83 19.76
C LYS A 102 23.97 -9.23 20.33
N LYS A 103 25.07 -9.88 20.00
CA LYS A 103 25.38 -11.23 20.48
C LYS A 103 26.85 -11.28 20.89
N LYS A 104 27.21 -12.18 21.81
CA LYS A 104 28.62 -12.31 22.19
C LYS A 104 29.46 -12.76 21.00
N SER A 105 29.22 -13.97 20.52
CA SER A 105 30.00 -14.54 19.42
C SER A 105 29.21 -14.56 18.09
N VAL A 106 29.92 -14.29 16.99
CA VAL A 106 29.32 -14.17 15.66
C VAL A 106 30.30 -14.65 14.58
N THR A 107 29.86 -15.57 13.74
CA THR A 107 30.69 -16.14 12.68
C THR A 107 30.04 -15.97 11.30
N VAL A 108 30.88 -15.64 10.31
CA VAL A 108 30.47 -15.55 8.92
C VAL A 108 30.90 -16.83 8.19
N LEU A 109 30.01 -17.36 7.37
CA LEU A 109 30.25 -18.59 6.62
C LEU A 109 29.78 -18.43 5.17
N ASP A 110 30.72 -18.32 4.23
CA ASP A 110 30.36 -18.33 2.81
C ASP A 110 30.50 -19.72 2.18
N VAL A 111 29.46 -20.13 1.45
CA VAL A 111 29.38 -21.45 0.83
C VAL A 111 30.20 -21.48 -0.47
N GLY A 112 31.06 -22.50 -0.61
CA GLY A 112 31.93 -22.62 -1.79
C GLY A 112 31.19 -23.17 -3.00
N ASP A 113 31.46 -22.60 -4.16
CA ASP A 113 30.74 -22.95 -5.38
C ASP A 113 29.28 -23.29 -5.09
N ALA A 114 28.60 -22.32 -4.49
CA ALA A 114 27.24 -22.49 -3.97
C ALA A 114 26.27 -23.07 -5.00
N TYR A 115 26.32 -22.56 -6.22
CA TYR A 115 25.40 -23.00 -7.29
C TYR A 115 25.73 -24.38 -7.79
N PHE A 116 27.01 -24.62 -8.02
CA PHE A 116 27.45 -25.90 -8.59
C PHE A 116 27.35 -27.05 -7.57
N SER A 117 27.13 -26.71 -6.30
CA SER A 117 26.90 -27.70 -5.25
C SER A 117 25.42 -28.01 -5.04
N VAL A 118 24.59 -27.78 -6.06
CA VAL A 118 23.14 -28.01 -5.94
C VAL A 118 22.61 -28.62 -7.25
N PRO A 119 21.82 -29.70 -7.13
CA PRO A 119 21.38 -30.39 -8.33
C PRO A 119 20.23 -29.69 -9.05
N LEU A 120 20.21 -29.87 -10.37
CA LEU A 120 19.15 -29.38 -11.22
C LEU A 120 18.12 -30.48 -11.42
N ASP A 121 16.87 -30.12 -11.68
CA ASP A 121 15.81 -31.10 -11.89
C ASP A 121 16.11 -31.89 -13.15
N GLU A 122 16.33 -33.20 -12.97
CA GLU A 122 16.63 -34.12 -14.06
C GLU A 122 15.83 -33.80 -15.32
N ASP A 123 14.51 -33.68 -15.16
CA ASP A 123 13.60 -33.43 -16.29
C ASP A 123 13.86 -32.10 -17.00
N PHE A 124 14.53 -31.16 -16.33
CA PHE A 124 14.90 -29.87 -16.93
C PHE A 124 16.30 -29.86 -17.52
N ARG A 125 17.17 -30.75 -17.06
CA ARG A 125 18.59 -30.71 -17.45
C ARG A 125 18.78 -30.70 -18.95
N LYS A 126 17.92 -31.44 -19.66
CA LYS A 126 17.98 -31.48 -21.13
C LYS A 126 18.08 -30.09 -21.76
N TYR A 127 17.40 -29.11 -21.16
CA TYR A 127 17.29 -27.77 -21.72
C TYR A 127 18.57 -26.97 -21.55
N THR A 128 19.39 -27.36 -20.56
CA THR A 128 20.65 -26.68 -20.28
C THR A 128 21.78 -27.10 -21.23
N ALA A 129 21.41 -27.75 -22.34
CA ALA A 129 22.37 -28.21 -23.33
C ALA A 129 23.19 -27.07 -23.93
N PHE A 130 24.47 -27.36 -24.18
CA PHE A 130 25.37 -26.43 -24.86
C PHE A 130 26.48 -27.23 -25.54
N THR A 131 27.08 -26.65 -26.58
CA THR A 131 28.04 -27.39 -27.39
C THR A 131 29.35 -26.64 -27.55
N ILE A 132 30.46 -27.32 -27.29
CA ILE A 132 31.79 -26.78 -27.59
C ILE A 132 32.09 -27.12 -29.05
N PRO A 133 32.24 -26.10 -29.90
CA PRO A 133 32.38 -26.38 -31.32
C PRO A 133 33.76 -26.98 -31.62
N SER A 134 33.84 -27.77 -32.67
CA SER A 134 35.12 -28.24 -33.20
C SER A 134 35.79 -27.14 -34.02
N ILE A 135 37.10 -27.24 -34.19
CA ILE A 135 37.88 -26.19 -34.84
C ILE A 135 37.30 -25.92 -36.23
N ASN A 136 36.95 -24.66 -36.49
CA ASN A 136 36.28 -24.24 -37.72
C ASN A 136 34.96 -25.00 -38.00
N ASN A 137 34.30 -25.43 -36.92
CA ASN A 137 33.07 -26.24 -36.97
C ASN A 137 33.03 -27.32 -38.06
N GLU A 138 34.18 -27.97 -38.28
CA GLU A 138 34.30 -28.98 -39.31
C GLU A 138 33.62 -30.29 -38.91
N THR A 139 33.57 -30.58 -37.62
CA THR A 139 33.00 -31.84 -37.11
C THR A 139 32.06 -31.60 -35.93
N PRO A 140 31.19 -32.59 -35.60
CA PRO A 140 30.28 -32.49 -34.46
C PRO A 140 30.97 -32.06 -33.17
N GLY A 141 30.44 -31.03 -32.52
CA GLY A 141 31.02 -30.53 -31.29
C GLY A 141 30.86 -31.51 -30.15
N ILE A 142 31.44 -31.17 -29.00
CA ILE A 142 31.24 -31.92 -27.77
C ILE A 142 30.01 -31.35 -27.11
N ARG A 143 29.11 -32.23 -26.67
CA ARG A 143 27.82 -31.83 -26.14
C ARG A 143 27.76 -32.13 -24.66
N TYR A 144 27.32 -31.14 -23.90
CA TYR A 144 27.22 -31.25 -22.45
C TYR A 144 25.87 -30.74 -21.96
N GLN A 145 25.55 -31.06 -20.70
CA GLN A 145 24.37 -30.52 -20.06
C GLN A 145 24.57 -30.51 -18.56
N TYR A 146 24.01 -29.48 -17.91
CA TYR A 146 24.22 -29.30 -16.49
C TYR A 146 23.42 -30.30 -15.66
N ASN A 147 24.05 -30.78 -14.60
CA ASN A 147 23.38 -31.53 -13.55
C ASN A 147 23.13 -30.65 -12.33
N VAL A 148 23.83 -29.51 -12.30
CA VAL A 148 23.73 -28.54 -11.22
C VAL A 148 23.30 -27.17 -11.74
N LEU A 149 22.97 -26.27 -10.80
CA LEU A 149 22.50 -24.91 -11.11
C LEU A 149 23.56 -24.14 -11.88
N PRO A 150 23.28 -23.75 -13.13
CA PRO A 150 24.26 -23.00 -13.91
C PRO A 150 24.40 -21.54 -13.51
N GLN A 151 25.59 -21.00 -13.75
CA GLN A 151 25.84 -19.57 -13.59
C GLN A 151 25.05 -18.82 -14.66
N GLY A 152 24.34 -17.77 -14.24
CA GLY A 152 23.54 -16.96 -15.15
C GLY A 152 22.15 -17.51 -15.44
N TRP A 153 21.79 -18.64 -14.83
CA TRP A 153 20.45 -19.17 -15.03
C TRP A 153 19.44 -18.51 -14.09
N LYS A 154 18.32 -18.12 -14.68
CA LYS A 154 17.21 -17.47 -13.98
C LYS A 154 16.90 -18.08 -12.62
N GLY A 155 16.92 -19.41 -12.56
CA GLY A 155 16.43 -20.15 -11.40
C GLY A 155 17.47 -20.52 -10.36
N SER A 156 18.75 -20.22 -10.62
CA SER A 156 19.79 -20.59 -9.67
C SER A 156 19.61 -19.92 -8.31
N PRO A 157 19.40 -18.59 -8.29
CA PRO A 157 19.28 -17.90 -7.01
C PRO A 157 18.12 -18.39 -6.15
N ALA A 158 16.98 -18.64 -6.78
CA ALA A 158 15.78 -19.09 -6.08
C ALA A 158 15.97 -20.51 -5.56
N ILE A 159 16.35 -21.42 -6.47
CA ILE A 159 16.54 -22.83 -6.12
C ILE A 159 17.60 -22.99 -5.03
N PHE A 160 18.72 -22.26 -5.14
CA PHE A 160 19.74 -22.35 -4.12
C PHE A 160 19.17 -21.97 -2.76
N GLN A 161 18.57 -20.79 -2.68
CA GLN A 161 17.97 -20.33 -1.43
C GLN A 161 17.09 -21.41 -0.85
N SER A 162 16.17 -21.92 -1.67
CA SER A 162 15.26 -22.98 -1.25
C SER A 162 16.02 -24.16 -0.67
N SER A 163 17.07 -24.58 -1.37
CA SER A 163 17.88 -25.70 -0.95
C SER A 163 18.45 -25.41 0.43
N MET A 164 19.19 -24.32 0.54
CA MET A 164 19.83 -23.92 1.80
C MET A 164 18.81 -23.79 2.93
N THR A 165 17.62 -23.32 2.61
CA THR A 165 16.55 -23.21 3.59
C THR A 165 16.24 -24.60 4.10
N LYS A 166 15.81 -25.46 3.19
CA LYS A 166 15.44 -26.85 3.52
C LYS A 166 16.49 -27.51 4.41
N ILE A 167 17.75 -27.31 4.03
CA ILE A 167 18.88 -27.90 4.71
C ILE A 167 19.05 -27.38 6.15
N LEU A 168 18.93 -26.07 6.32
CA LEU A 168 19.10 -25.47 7.65
C LEU A 168 17.97 -25.82 8.61
N GLU A 169 16.78 -26.04 8.09
CA GLU A 169 15.58 -26.19 8.92
C GLU A 169 15.80 -27.02 10.19
N PRO A 170 16.27 -28.28 10.05
CA PRO A 170 16.39 -29.12 11.25
C PRO A 170 17.36 -28.52 12.28
N PHE A 171 18.46 -27.93 11.81
CA PHE A 171 19.42 -27.28 12.69
C PHE A 171 18.76 -26.15 13.48
N ARG A 172 17.91 -25.38 12.80
CA ARG A 172 17.18 -24.30 13.45
C ARG A 172 16.27 -24.87 14.54
N LYS A 173 15.57 -25.95 14.22
CA LYS A 173 14.75 -26.64 15.23
C LYS A 173 15.60 -27.16 16.38
N GLN A 174 16.68 -27.86 16.06
CA GLN A 174 17.57 -28.40 17.10
C GLN A 174 18.32 -27.29 17.87
N ASN A 175 18.43 -26.10 17.28
CA ASN A 175 19.16 -25.00 17.89
C ASN A 175 18.44 -23.65 17.78
N PRO A 176 17.27 -23.51 18.46
CA PRO A 176 16.47 -22.31 18.33
C PRO A 176 17.09 -21.08 19.02
N ASP A 177 18.16 -21.31 19.78
CA ASP A 177 19.00 -20.22 20.27
C ASP A 177 19.69 -19.53 19.09
N ILE A 178 20.45 -20.32 18.32
CA ILE A 178 21.37 -19.78 17.32
C ILE A 178 20.65 -18.96 16.26
N VAL A 179 21.11 -17.72 16.08
CA VAL A 179 20.61 -16.87 15.03
C VAL A 179 21.43 -17.11 13.78
N ILE A 180 20.76 -17.56 12.73
CA ILE A 180 21.37 -17.73 11.42
C ILE A 180 20.73 -16.74 10.46
N TYR A 181 21.56 -15.95 9.80
CA TYR A 181 21.09 -15.03 8.76
C TYR A 181 21.42 -15.59 7.38
N GLN A 182 20.40 -15.74 6.54
CA GLN A 182 20.58 -16.20 5.16
C GLN A 182 20.70 -15.01 4.21
N TYR A 183 21.80 -14.96 3.44
CA TYR A 183 21.97 -13.97 2.39
C TYR A 183 22.92 -14.50 1.32
N MET A 184 22.36 -14.77 0.14
CA MET A 184 23.14 -15.27 -1.01
C MET A 184 24.02 -16.48 -0.62
N ASP A 185 25.27 -16.53 -1.07
CA ASP A 185 26.22 -17.56 -0.67
C ASP A 185 26.37 -17.60 0.84
N ASP A 186 26.36 -16.44 1.46
CA ASP A 186 26.78 -16.31 2.86
C ASP A 186 25.76 -16.84 3.84
N LEU A 187 26.23 -17.01 5.07
CA LEU A 187 25.43 -17.47 6.19
C LEU A 187 26.06 -16.83 7.42
N TYR A 188 25.29 -16.02 8.14
CA TYR A 188 25.83 -15.29 9.29
C TYR A 188 25.23 -15.85 10.57
N VAL A 189 26.09 -16.40 11.42
CA VAL A 189 25.66 -17.08 12.64
C VAL A 189 26.08 -16.30 13.87
N GLY A 190 25.19 -16.27 14.87
CA GLY A 190 25.45 -15.54 16.11
C GLY A 190 24.75 -16.13 17.31
N SER A 191 25.40 -16.02 18.47
CA SER A 191 24.89 -16.60 19.72
C SER A 191 25.47 -15.92 20.94
N ASP A 192 24.78 -16.05 22.07
CA ASP A 192 25.23 -15.49 23.33
C ASP A 192 26.13 -16.45 24.12
N LEU A 193 26.06 -17.75 23.80
CA LEU A 193 26.90 -18.78 24.45
C LEU A 193 28.41 -18.58 24.19
N GLU A 194 29.22 -19.13 25.09
CA GLU A 194 30.63 -18.73 25.25
C GLU A 194 31.53 -19.17 24.09
N ILE A 195 32.66 -18.49 23.96
CA ILE A 195 33.53 -18.62 22.79
C ILE A 195 34.08 -20.05 22.57
N GLY A 196 34.01 -20.91 23.59
CA GLY A 196 34.30 -22.32 23.41
C GLY A 196 33.12 -23.02 22.72
N GLN A 197 31.96 -22.94 23.36
CA GLN A 197 30.75 -23.64 22.92
C GLN A 197 30.26 -23.19 21.54
N HIS A 198 30.49 -21.92 21.22
CA HIS A 198 30.16 -21.37 19.91
C HIS A 198 30.96 -22.11 18.83
N ARG A 199 32.28 -22.17 19.01
CA ARG A 199 33.17 -22.77 18.02
C ARG A 199 32.84 -24.24 17.75
N THR A 200 32.27 -24.93 18.73
CA THR A 200 31.76 -26.29 18.54
C THR A 200 30.43 -26.24 17.77
N LYS A 201 29.57 -25.31 18.19
CA LYS A 201 28.27 -25.12 17.54
C LYS A 201 28.45 -24.75 16.07
N ILE A 202 29.45 -23.92 15.80
CA ILE A 202 29.84 -23.60 14.43
C ILE A 202 30.24 -24.87 13.68
N GLU A 203 31.07 -25.70 14.31
CA GLU A 203 31.60 -26.91 13.66
C GLU A 203 30.54 -27.96 13.36
N GLU A 204 29.64 -28.21 14.31
CA GLU A 204 28.54 -29.15 14.06
C GLU A 204 27.60 -28.64 12.96
N LEU A 205 27.48 -27.31 12.85
CA LEU A 205 26.79 -26.70 11.71
C LEU A 205 27.57 -26.98 10.42
N ARG A 206 28.82 -26.50 10.37
CA ARG A 206 29.67 -26.74 9.20
C ARG A 206 29.61 -28.20 8.76
N GLN A 207 29.59 -29.09 9.75
CA GLN A 207 29.38 -30.52 9.53
C GLN A 207 28.04 -30.79 8.87
N HIS A 208 26.97 -30.29 9.50
CA HIS A 208 25.62 -30.44 8.96
C HIS A 208 25.55 -29.91 7.53
N LEU A 209 26.23 -28.79 7.29
CA LEU A 209 26.34 -28.24 5.94
C LEU A 209 27.11 -29.20 5.04
N LEU A 210 28.26 -29.67 5.50
CA LEU A 210 29.04 -30.68 4.75
C LEU A 210 28.25 -31.93 4.44
N ARG A 211 27.47 -32.41 5.40
CA ARG A 211 26.67 -33.61 5.19
C ARG A 211 25.67 -33.44 4.04
N TRP A 212 25.26 -32.20 3.78
CA TRP A 212 24.38 -31.91 2.66
C TRP A 212 25.11 -31.24 1.47
N GLY A 213 26.39 -31.56 1.32
CA GLY A 213 27.16 -31.15 0.15
C GLY A 213 27.73 -29.74 0.16
N LEU A 214 27.70 -29.08 1.32
CA LEU A 214 28.06 -27.66 1.38
C LEU A 214 29.35 -27.38 2.15
N THR A 215 30.40 -27.09 1.39
CA THR A 215 31.70 -26.73 1.93
C THR A 215 31.61 -25.35 2.57
N THR A 216 32.59 -25.04 3.42
CA THR A 216 32.48 -23.89 4.32
C THR A 216 33.86 -23.60 4.93
N PRO A 217 34.12 -22.34 5.34
CA PRO A 217 35.48 -22.00 5.79
C PRO A 217 35.93 -22.59 7.12
N ASP A 218 37.17 -23.07 7.13
CA ASP A 218 37.92 -23.44 8.33
C ASP A 218 38.10 -22.20 9.22
N LYS A 219 38.23 -22.42 10.53
CA LYS A 219 38.38 -21.32 11.51
C LYS A 219 39.58 -20.40 11.22
N LYS A 220 40.59 -20.91 10.55
CA LYS A 220 41.73 -20.11 10.14
C LYS A 220 41.39 -19.18 8.99
N HIS A 221 40.22 -19.39 8.39
CA HIS A 221 39.80 -18.64 7.21
C HIS A 221 38.56 -17.79 7.41
N GLN A 222 37.81 -18.04 8.48
CA GLN A 222 36.70 -17.18 8.88
C GLN A 222 37.23 -15.77 9.13
N LYS A 223 36.50 -14.76 8.62
CA LYS A 223 36.90 -13.37 8.77
C LYS A 223 36.69 -12.93 10.20
N GLU A 224 37.27 -11.79 10.55
CA GLU A 224 37.11 -11.21 11.88
C GLU A 224 36.46 -9.85 11.77
N PRO A 225 35.72 -9.42 12.81
CA PRO A 225 35.14 -8.08 12.81
C PRO A 225 36.22 -7.00 12.83
N PRO A 226 35.95 -5.82 12.24
CA PRO A 226 34.70 -5.42 11.59
C PRO A 226 34.41 -6.14 10.26
N PHE A 227 33.15 -6.53 10.06
CA PHE A 227 32.70 -7.11 8.79
C PHE A 227 32.28 -6.02 7.82
N LEU A 228 32.98 -5.91 6.70
CA LEU A 228 32.61 -4.99 5.64
C LEU A 228 31.60 -5.71 4.75
N TRP A 229 30.34 -5.31 4.84
CA TRP A 229 29.26 -6.00 4.14
C TRP A 229 28.25 -5.02 3.56
N MET A 230 28.10 -5.03 2.23
CA MET A 230 26.96 -4.35 1.59
C MET A 230 26.92 -2.85 1.93
N GLY A 231 28.09 -2.22 1.95
CA GLY A 231 28.20 -0.78 2.25
C GLY A 231 28.46 -0.43 3.70
N TYR A 232 28.18 -1.35 4.62
CA TYR A 232 28.32 -1.08 6.06
C TYR A 232 29.63 -1.61 6.63
N GLU A 233 29.90 -1.19 7.87
CA GLU A 233 30.93 -1.81 8.72
C GLU A 233 30.26 -2.32 9.97
N LEU A 234 30.35 -3.63 10.21
CA LEU A 234 29.72 -4.22 11.39
C LEU A 234 30.77 -4.59 12.43
N HIS A 235 30.92 -3.72 13.44
CA HIS A 235 31.86 -3.96 14.54
C HIS A 235 31.20 -4.78 15.65
N PRO A 236 31.99 -5.27 16.62
CA PRO A 236 31.47 -6.15 17.67
C PRO A 236 30.33 -5.61 18.53
N ASP A 237 30.23 -4.29 18.66
CA ASP A 237 29.09 -3.67 19.36
C ASP A 237 28.78 -2.25 18.83
N LYS A 238 28.98 -2.06 17.54
CA LYS A 238 28.50 -0.88 16.84
C LYS A 238 28.54 -1.14 15.34
N TRP A 239 27.95 -0.25 14.56
CA TRP A 239 27.93 -0.37 13.10
C TRP A 239 27.95 1.01 12.48
N THR A 240 28.34 1.08 11.22
CA THR A 240 28.39 2.35 10.52
C THR A 240 28.49 2.11 9.03
N VAL A 241 28.37 3.19 8.26
CA VAL A 241 28.68 3.12 6.83
C VAL A 241 30.19 3.10 6.63
N GLN A 242 30.61 2.60 5.48
CA GLN A 242 32.03 2.58 5.12
C GLN A 242 32.43 4.00 4.74
N PRO A 243 33.75 4.28 4.72
CA PRO A 243 34.24 5.66 4.59
C PRO A 243 33.65 6.46 3.42
N ILE A 244 33.29 7.71 3.71
CA ILE A 244 32.66 8.63 2.77
C ILE A 244 33.61 9.77 2.44
N VAL A 245 34.01 9.88 1.17
CA VAL A 245 34.90 10.95 0.73
C VAL A 245 34.19 11.85 -0.27
N LEU A 246 33.73 13.00 0.22
CA LEU A 246 33.10 13.99 -0.65
C LEU A 246 34.18 14.73 -1.44
N PRO A 247 34.24 14.50 -2.77
CA PRO A 247 35.32 15.03 -3.58
C PRO A 247 35.47 16.55 -3.53
N GLU A 248 36.71 17.01 -3.67
CA GLU A 248 36.99 18.44 -3.75
C GLU A 248 37.21 18.78 -5.23
N LYS A 249 36.26 19.48 -5.83
CA LYS A 249 36.31 19.78 -7.26
C LYS A 249 36.08 21.24 -7.58
N ASP A 250 36.71 21.71 -8.66
CA ASP A 250 36.50 23.07 -9.15
C ASP A 250 35.16 23.11 -9.87
N SER A 251 35.04 22.27 -10.88
CA SER A 251 33.83 22.17 -11.68
C SER A 251 33.20 20.79 -11.46
N TRP A 252 31.92 20.79 -11.11
CA TRP A 252 31.17 19.56 -10.90
C TRP A 252 30.33 19.25 -12.12
N THR A 253 30.43 18.03 -12.61
CA THR A 253 29.56 17.55 -13.67
C THR A 253 28.23 17.08 -13.08
N VAL A 254 27.27 16.77 -13.96
CA VAL A 254 26.05 16.09 -13.53
C VAL A 254 26.42 14.78 -12.84
N ASN A 255 27.37 14.06 -13.46
CA ASN A 255 27.90 12.81 -12.91
C ASN A 255 28.47 12.94 -11.49
N ASP A 256 29.16 14.04 -11.19
CA ASP A 256 29.77 14.24 -9.86
C ASP A 256 28.71 14.54 -8.80
N ILE A 257 27.65 15.23 -9.21
CA ILE A 257 26.60 15.65 -8.28
C ILE A 257 25.70 14.46 -7.95
N GLN A 258 25.47 13.60 -8.93
CA GLN A 258 24.72 12.38 -8.71
C GLN A 258 25.43 11.47 -7.70
N LYS A 259 26.72 11.25 -7.91
CA LYS A 259 27.50 10.44 -6.98
C LYS A 259 27.56 11.06 -5.58
N LEU A 260 27.57 12.40 -5.50
CA LEU A 260 27.61 13.09 -4.22
C LEU A 260 26.30 12.85 -3.48
N VAL A 261 25.19 13.12 -4.17
CA VAL A 261 23.86 12.89 -3.62
C VAL A 261 23.73 11.44 -3.13
N GLY A 262 24.18 10.51 -3.97
CA GLY A 262 24.14 9.08 -3.67
C GLY A 262 24.91 8.72 -2.41
N LYS A 263 26.08 9.33 -2.23
CA LYS A 263 26.90 9.07 -1.06
C LYS A 263 26.26 9.65 0.19
N LEU A 264 25.70 10.84 0.07
CA LEU A 264 25.09 11.52 1.21
C LEU A 264 23.84 10.77 1.70
N ASN A 265 23.04 10.32 0.73
CA ASN A 265 21.88 9.47 1.01
C ASN A 265 22.28 8.20 1.75
N TRP A 266 23.37 7.57 1.32
CA TRP A 266 23.89 6.42 2.02
C TRP A 266 24.33 6.82 3.44
N ALA A 267 25.00 7.97 3.52
CA ALA A 267 25.51 8.53 4.78
C ALA A 267 24.40 8.75 5.80
N SER A 268 23.24 9.17 5.30
CA SER A 268 22.12 9.59 6.15
C SER A 268 21.46 8.48 6.99
N GLN A 269 21.96 7.25 6.91
CA GLN A 269 21.42 6.16 7.73
C GLN A 269 21.83 6.26 9.20
N ILE A 270 22.96 6.93 9.44
CA ILE A 270 23.52 7.10 10.78
C ILE A 270 24.04 8.53 11.08
N TYR A 271 24.18 9.36 10.04
CA TYR A 271 24.65 10.73 10.16
C TYR A 271 23.48 11.74 10.10
N PRO A 272 23.06 12.28 11.27
CA PRO A 272 21.92 13.20 11.36
C PRO A 272 22.06 14.48 10.54
N GLY A 273 20.96 15.13 10.25
CA GLY A 273 20.97 16.44 9.60
C GLY A 273 21.52 16.52 8.18
N ILE A 274 21.85 15.38 7.58
CA ILE A 274 22.29 15.37 6.18
C ILE A 274 21.18 15.95 5.31
N LYS A 275 21.54 16.77 4.33
CA LYS A 275 20.56 17.45 3.50
C LYS A 275 20.98 17.45 2.05
N VAL A 276 19.99 17.31 1.15
CA VAL A 276 20.25 17.15 -0.27
C VAL A 276 19.30 17.95 -1.17
N ARG A 277 18.42 18.73 -0.58
CA ARG A 277 17.40 19.46 -1.33
C ARG A 277 18.05 20.32 -2.41
N GLN A 278 19.07 21.09 -2.02
CA GLN A 278 19.67 22.08 -2.92
C GLN A 278 20.61 21.47 -3.93
N LEU A 279 21.34 20.45 -3.53
CA LEU A 279 22.16 19.69 -4.47
C LEU A 279 21.27 19.01 -5.51
N CYS A 280 20.11 18.53 -5.10
CA CYS A 280 19.15 17.90 -6.01
C CYS A 280 18.57 18.85 -7.04
N LYS A 281 18.16 20.05 -6.61
CA LYS A 281 17.52 21.00 -7.53
C LYS A 281 18.37 21.23 -8.79
N LEU A 282 19.68 21.16 -8.64
CA LEU A 282 20.62 21.30 -9.76
C LEU A 282 20.39 20.27 -10.86
N LEU A 283 20.09 19.04 -10.46
CA LEU A 283 19.99 17.92 -11.40
C LEU A 283 18.82 17.99 -12.38
N ARG A 284 17.84 18.84 -12.11
CA ARG A 284 16.66 18.97 -12.97
C ARG A 284 16.98 19.66 -14.29
N GLY A 285 16.37 19.16 -15.37
CA GLY A 285 16.49 19.78 -16.69
C GLY A 285 17.47 19.10 -17.62
N THR A 286 17.42 17.77 -17.67
CA THR A 286 18.33 16.94 -18.48
C THR A 286 19.50 17.70 -19.07
N LYS A 287 20.58 17.77 -18.30
CA LYS A 287 21.86 18.24 -18.79
C LYS A 287 22.65 17.01 -19.22
N ALA A 288 23.83 17.23 -19.80
CA ALA A 288 24.70 16.12 -20.19
C ALA A 288 25.41 15.51 -18.98
N LEU A 289 25.54 14.19 -18.98
CA LEU A 289 26.31 13.42 -17.98
C LEU A 289 27.55 14.14 -17.44
N THR A 290 28.40 14.59 -18.38
CA THR A 290 29.66 15.25 -18.05
C THR A 290 29.57 16.78 -18.04
N GLU A 291 28.38 17.32 -18.29
CA GLU A 291 28.17 18.76 -18.30
C GLU A 291 28.39 19.36 -16.91
N VAL A 292 29.18 20.44 -16.86
CA VAL A 292 29.45 21.13 -15.60
C VAL A 292 28.22 21.94 -15.16
N ILE A 293 27.88 21.83 -13.87
CA ILE A 293 26.81 22.62 -13.29
C ILE A 293 27.39 23.48 -12.18
N PRO A 294 27.41 24.81 -12.39
CA PRO A 294 27.81 25.74 -11.35
C PRO A 294 26.98 25.55 -10.08
N LEU A 295 27.64 25.44 -8.93
CA LEU A 295 26.93 25.34 -7.66
C LEU A 295 26.29 26.66 -7.33
N THR A 296 25.04 26.62 -6.86
CA THR A 296 24.39 27.81 -6.33
C THR A 296 25.01 28.12 -4.97
N GLU A 297 24.60 29.25 -4.39
CA GLU A 297 25.04 29.59 -3.04
C GLU A 297 24.40 28.66 -2.01
N GLU A 298 23.16 28.25 -2.27
CA GLU A 298 22.42 27.38 -1.35
C GLU A 298 22.94 25.95 -1.42
N ALA A 299 23.35 25.52 -2.62
CA ALA A 299 24.01 24.24 -2.80
C ALA A 299 25.34 24.25 -2.05
N GLU A 300 26.16 25.26 -2.35
CA GLU A 300 27.46 25.44 -1.69
C GLU A 300 27.30 25.49 -0.17
N LEU A 301 26.29 26.22 0.29
CA LEU A 301 25.93 26.26 1.70
C LEU A 301 25.64 24.86 2.23
N GLU A 302 24.85 24.11 1.47
CA GLU A 302 24.41 22.77 1.86
C GLU A 302 25.58 21.80 1.96
N LEU A 303 26.41 21.76 0.92
CA LEU A 303 27.58 20.89 0.89
C LEU A 303 28.46 21.15 2.10
N ALA A 304 28.70 22.42 2.41
CA ALA A 304 29.53 22.82 3.53
C ALA A 304 29.01 22.22 4.84
N GLU A 305 27.70 22.29 5.03
CA GLU A 305 27.09 21.81 6.27
C GLU A 305 27.09 20.28 6.34
N ASN A 306 27.06 19.62 5.19
CA ASN A 306 27.19 18.17 5.14
C ASN A 306 28.60 17.76 5.52
N ARG A 307 29.58 18.53 5.06
CA ARG A 307 30.97 18.25 5.38
C ARG A 307 31.26 18.36 6.87
N GLU A 308 30.63 19.32 7.53
CA GLU A 308 30.75 19.45 8.98
C GLU A 308 30.28 18.21 9.73
N ILE A 309 29.16 17.65 9.28
CA ILE A 309 28.54 16.53 9.97
C ILE A 309 29.38 15.28 9.77
N LEU A 310 29.89 15.10 8.55
CA LEU A 310 30.69 13.92 8.21
C LEU A 310 32.10 13.94 8.80
N LYS A 311 32.66 15.14 9.03
CA LYS A 311 34.07 15.28 9.46
C LYS A 311 34.46 14.31 10.58
N GLU A 312 33.71 14.29 11.67
CA GLU A 312 33.93 13.32 12.75
C GLU A 312 33.05 12.09 12.49
N PRO A 313 33.65 10.89 12.48
CA PRO A 313 32.91 9.63 12.36
C PRO A 313 31.77 9.47 13.37
N VAL A 314 30.63 9.00 12.88
CA VAL A 314 29.49 8.61 13.71
C VAL A 314 29.20 7.13 13.53
N HIS A 315 28.89 6.46 14.62
CA HIS A 315 28.57 5.03 14.60
C HIS A 315 27.18 4.81 15.17
N GLY A 316 26.57 3.67 14.84
CA GLY A 316 25.27 3.29 15.36
C GLY A 316 25.37 2.07 16.25
N VAL A 317 24.37 1.90 17.12
CA VAL A 317 24.34 0.81 18.07
C VAL A 317 23.49 -0.36 17.50
N TYR A 318 23.56 -1.52 18.14
CA TYR A 318 22.75 -2.67 17.75
C TYR A 318 21.46 -2.73 18.56
N TYR A 319 20.55 -3.58 18.10
CA TYR A 319 19.20 -3.62 18.62
C TYR A 319 19.11 -4.47 19.86
N ASP A 320 18.29 -4.03 20.82
CA ASP A 320 18.05 -4.78 22.04
C ASP A 320 16.54 -4.93 22.20
N PRO A 321 16.01 -6.12 21.88
CA PRO A 321 14.58 -6.41 21.90
C PRO A 321 13.86 -6.08 23.20
N SER A 322 14.58 -6.05 24.31
CA SER A 322 13.98 -5.83 25.62
C SER A 322 13.71 -4.34 25.92
N LYS A 323 13.73 -3.50 24.89
CA LYS A 323 13.50 -2.06 25.06
C LYS A 323 12.61 -1.50 23.95
N ASP A 324 11.98 -0.36 24.25
CA ASP A 324 11.16 0.33 23.26
C ASP A 324 12.06 1.11 22.31
N LEU A 325 11.62 1.23 21.06
CA LEU A 325 12.23 2.17 20.13
C LEU A 325 11.65 3.55 20.42
N ILE A 326 12.46 4.58 20.20
CA ILE A 326 11.97 5.94 20.26
C ILE A 326 12.38 6.63 18.96
N ALA A 327 11.40 7.24 18.30
CA ALA A 327 11.64 7.94 17.06
C ALA A 327 11.45 9.43 17.32
N GLU A 328 12.45 10.21 16.92
CA GLU A 328 12.39 11.66 17.03
C GLU A 328 12.49 12.24 15.65
N ILE A 329 11.69 13.26 15.38
CA ILE A 329 11.69 13.92 14.09
C ILE A 329 11.96 15.41 14.30
N GLN A 330 12.80 15.99 13.45
CA GLN A 330 13.04 17.44 13.45
C GLN A 330 12.69 18.02 12.10
N LYS A 331 12.03 19.17 12.11
CA LYS A 331 11.88 19.97 10.90
C LYS A 331 13.16 20.72 10.66
N GLN A 332 13.54 20.84 9.39
CA GLN A 332 14.72 21.62 9.03
C GLN A 332 14.67 21.91 7.55
N GLY A 333 14.27 23.13 7.21
CA GLY A 333 14.07 23.52 5.82
C GLY A 333 12.65 23.19 5.41
N GLN A 334 12.10 23.99 4.52
CA GLN A 334 10.79 23.69 3.96
C GLN A 334 10.99 22.43 3.15
N GLY A 335 10.03 21.50 3.28
CA GLY A 335 10.11 20.21 2.62
C GLY A 335 10.93 19.16 3.37
N GLN A 336 12.02 19.57 4.01
CA GLN A 336 12.99 18.64 4.57
C GLN A 336 12.77 18.32 6.04
N TRP A 337 12.91 17.04 6.37
CA TRP A 337 12.79 16.56 7.74
C TRP A 337 13.94 15.61 8.02
N THR A 338 14.19 15.36 9.30
CA THR A 338 15.26 14.46 9.72
C THR A 338 14.86 13.77 11.01
N TYR A 339 15.23 12.50 11.14
CA TYR A 339 14.79 11.71 12.28
C TYR A 339 15.90 10.82 12.82
N GLN A 340 15.72 10.40 14.06
CA GLN A 340 16.69 9.54 14.73
C GLN A 340 15.93 8.50 15.50
N ILE A 341 16.41 7.26 15.48
CA ILE A 341 15.79 6.18 16.25
C ILE A 341 16.81 5.61 17.23
N TYR A 342 16.42 5.56 18.49
CA TYR A 342 17.26 5.04 19.56
C TYR A 342 16.39 4.33 20.57
N GLN A 343 17.03 3.69 21.54
CA GLN A 343 16.32 3.08 22.67
C GLN A 343 16.78 3.70 23.98
N GLU A 344 18.08 3.98 24.10
CA GLU A 344 18.64 4.79 25.20
C GLU A 344 19.09 6.14 24.65
N PRO A 345 18.58 7.24 25.25
CA PRO A 345 18.78 8.60 24.78
C PRO A 345 20.09 8.88 24.06
N PHE A 346 19.93 9.07 22.76
CA PHE A 346 20.96 9.59 21.84
C PHE A 346 22.06 8.59 21.43
N LYS A 347 21.95 7.35 21.91
CA LYS A 347 22.68 6.22 21.32
C LYS A 347 21.83 5.64 20.19
N ASN A 348 21.92 6.31 19.04
CA ASN A 348 21.11 6.01 17.86
C ASN A 348 21.32 4.61 17.32
N LEU A 349 20.22 3.88 17.19
CA LEU A 349 20.19 2.64 16.42
C LEU A 349 20.32 3.00 14.94
N LYS A 350 19.52 3.97 14.50
CA LYS A 350 19.71 4.55 13.17
C LYS A 350 19.13 5.95 13.04
N THR A 351 19.35 6.51 11.86
CA THR A 351 19.08 7.89 11.54
C THR A 351 18.47 7.93 10.13
N GLY A 352 17.74 8.99 9.81
CA GLY A 352 17.25 9.15 8.45
C GLY A 352 16.68 10.51 8.13
N LYS A 353 16.28 10.66 6.87
CA LYS A 353 15.69 11.91 6.39
C LYS A 353 14.47 11.66 5.51
N TYR A 354 13.63 12.68 5.42
CA TYR A 354 12.42 12.66 4.62
C TYR A 354 12.26 14.04 3.98
N ALA A 355 12.12 14.07 2.66
CA ALA A 355 11.80 15.30 1.95
C ALA A 355 10.40 15.13 1.37
N ARG A 356 10.30 14.71 0.11
CA ARG A 356 9.03 14.28 -0.51
C ARG A 356 7.88 15.28 -0.43
N MET A 357 7.46 15.79 -1.58
CA MET A 357 6.17 16.48 -1.70
C MET A 357 5.09 15.49 -2.14
N ARG A 358 4.13 15.23 -1.26
CA ARG A 358 2.88 14.58 -1.67
C ARG A 358 1.97 15.64 -2.30
N GLY A 359 2.08 15.79 -3.62
CA GLY A 359 1.24 16.72 -4.37
C GLY A 359 1.84 18.11 -4.52
N ALA A 360 1.02 19.03 -5.00
CA ALA A 360 1.45 20.40 -5.29
C ALA A 360 1.45 21.26 -4.04
N HIS A 361 0.42 21.10 -3.21
CA HIS A 361 0.23 21.95 -2.03
C HIS A 361 0.09 21.09 -0.78
N THR A 362 0.70 21.53 0.30
CA THR A 362 0.70 20.78 1.55
C THR A 362 0.96 21.73 2.70
N ASN A 363 0.99 21.18 3.92
CA ASN A 363 1.48 21.91 5.07
C ASN A 363 2.30 21.02 6.00
N ASP A 364 2.95 21.63 6.98
CA ASP A 364 3.84 20.90 7.87
C ASP A 364 3.15 19.76 8.63
N VAL A 365 1.94 20.02 9.15
CA VAL A 365 1.21 18.99 9.86
C VAL A 365 0.99 17.76 8.96
N LYS A 366 0.63 18.01 7.69
CA LYS A 366 0.49 16.94 6.69
C LYS A 366 1.81 16.23 6.42
N GLN A 367 2.87 17.02 6.26
CA GLN A 367 4.19 16.45 6.05
C GLN A 367 4.70 15.68 7.26
N LEU A 368 4.38 16.15 8.45
CA LEU A 368 4.84 15.50 9.67
C LEU A 368 4.18 14.13 9.80
N THR A 369 2.89 14.05 9.44
CA THR A 369 2.17 12.78 9.45
C THR A 369 2.76 11.82 8.42
N GLU A 370 3.00 12.33 7.22
CA GLU A 370 3.61 11.55 6.15
C GLU A 370 4.95 10.95 6.59
N ALA A 371 5.77 11.74 7.29
CA ALA A 371 7.07 11.27 7.75
C ALA A 371 6.95 10.26 8.91
N VAL A 372 5.98 10.48 9.81
CA VAL A 372 5.69 9.49 10.86
C VAL A 372 5.29 8.14 10.24
N GLN A 373 4.53 8.18 9.15
CA GLN A 373 4.05 6.97 8.50
C GLN A 373 5.18 6.21 7.85
N LYS A 374 6.01 6.94 7.09
CA LYS A 374 7.21 6.36 6.51
C LYS A 374 8.06 5.68 7.58
N ILE A 375 8.34 6.41 8.66
CA ILE A 375 9.11 5.86 9.78
C ILE A 375 8.43 4.65 10.44
N THR A 376 7.10 4.64 10.51
CA THR A 376 6.39 3.51 11.12
C THR A 376 6.57 2.22 10.31
N THR A 377 6.50 2.33 8.99
CA THR A 377 6.72 1.18 8.12
C THR A 377 8.15 0.69 8.28
N GLU A 378 9.09 1.62 8.20
CA GLU A 378 10.51 1.29 8.35
C GLU A 378 10.75 0.46 9.59
N SER A 379 10.21 0.90 10.72
CA SER A 379 10.42 0.21 11.99
C SER A 379 9.85 -1.21 11.97
N ILE A 380 8.63 -1.35 11.47
CA ILE A 380 7.98 -2.65 11.40
C ILE A 380 8.85 -3.60 10.58
N VAL A 381 9.36 -3.13 9.45
CA VAL A 381 10.27 -3.93 8.63
C VAL A 381 11.53 -4.32 9.41
N ILE A 382 12.23 -3.34 9.98
CA ILE A 382 13.50 -3.60 10.66
C ILE A 382 13.39 -4.30 12.02
N TRP A 383 12.51 -3.83 12.91
CA TRP A 383 12.44 -4.37 14.28
C TRP A 383 11.15 -5.12 14.62
N GLY A 384 10.19 -5.13 13.70
CA GLY A 384 8.94 -5.83 13.93
C GLY A 384 8.03 -5.14 14.92
N LYS A 385 8.25 -3.84 15.12
CA LYS A 385 7.34 -3.04 15.93
C LYS A 385 7.48 -1.55 15.61
N THR A 386 6.55 -0.76 16.14
CA THR A 386 6.54 0.67 15.89
C THR A 386 7.10 1.37 17.11
N PRO A 387 7.76 2.51 16.88
CA PRO A 387 8.40 3.24 17.96
C PRO A 387 7.47 4.24 18.64
N LYS A 388 7.88 4.69 19.82
CA LYS A 388 7.26 5.84 20.45
C LYS A 388 7.86 7.06 19.76
N PHE A 389 6.99 7.93 19.25
CA PHE A 389 7.44 9.14 18.57
C PHE A 389 7.59 10.31 19.53
N LYS A 390 8.48 11.23 19.17
CA LYS A 390 8.62 12.50 19.88
C LYS A 390 8.68 13.60 18.83
N LEU A 391 7.59 14.37 18.77
CA LEU A 391 7.32 15.27 17.65
C LEU A 391 7.40 16.74 18.06
N PRO A 392 7.88 17.61 17.14
CA PRO A 392 7.91 19.04 17.34
C PRO A 392 6.58 19.68 16.98
N ILE A 393 5.51 19.25 17.65
CA ILE A 393 4.18 19.79 17.41
C ILE A 393 3.34 19.60 18.67
N GLN A 394 2.54 20.60 19.00
CA GLN A 394 1.69 20.56 20.19
C GLN A 394 0.56 19.58 19.98
N LYS A 395 0.19 18.87 21.04
CA LYS A 395 -1.01 18.03 21.01
C LYS A 395 -2.18 18.87 20.53
N GLU A 396 -2.36 20.02 21.19
CA GLU A 396 -3.41 20.97 20.87
C GLU A 396 -3.41 21.40 19.40
N THR A 397 -2.24 21.60 18.82
CA THR A 397 -2.14 21.92 17.39
C THR A 397 -2.61 20.72 16.55
N TRP A 398 -2.04 19.56 16.83
CA TRP A 398 -2.41 18.34 16.14
C TRP A 398 -3.92 18.08 16.27
N GLU A 399 -4.44 18.14 17.50
CA GLU A 399 -5.88 18.00 17.74
C GLU A 399 -6.73 18.86 16.83
N THR A 400 -6.39 20.14 16.73
CA THR A 400 -7.14 21.09 15.92
C THR A 400 -7.18 20.63 14.48
N TRP A 401 -6.02 20.29 13.95
CA TRP A 401 -5.90 19.88 12.57
C TRP A 401 -6.73 18.64 12.23
N TRP A 402 -6.43 17.51 12.86
CA TRP A 402 -7.05 16.23 12.47
C TRP A 402 -8.58 16.25 12.55
N THR A 403 -9.12 16.87 13.58
CA THR A 403 -10.57 16.88 13.78
C THR A 403 -11.26 17.68 12.68
N GLU A 404 -10.71 18.85 12.36
CA GLU A 404 -11.31 19.73 11.35
C GLU A 404 -11.00 19.30 9.91
N TYR A 405 -9.98 18.47 9.72
CA TYR A 405 -9.59 18.02 8.38
C TYR A 405 -10.45 16.86 7.93
N TRP A 406 -10.78 16.82 6.65
CA TRP A 406 -11.70 15.82 6.11
C TRP A 406 -11.06 14.44 5.91
N GLN A 407 -9.76 14.39 5.72
CA GLN A 407 -9.05 13.10 5.61
C GLN A 407 -9.05 12.43 6.97
N ALA A 408 -9.06 11.10 6.96
CA ALA A 408 -8.80 10.34 8.17
C ALA A 408 -7.29 10.29 8.33
N THR A 409 -6.80 10.61 9.53
CA THR A 409 -5.38 10.53 9.82
C THR A 409 -5.21 9.98 11.22
N TRP A 410 -4.04 9.43 11.50
CA TRP A 410 -3.79 8.80 12.79
C TRP A 410 -2.32 8.49 12.98
N ILE A 411 -1.83 8.71 14.19
CA ILE A 411 -0.48 8.33 14.54
C ILE A 411 -0.47 7.71 15.94
N PRO A 412 0.39 6.71 16.16
CA PRO A 412 0.47 5.97 17.41
C PRO A 412 1.02 6.82 18.54
N GLU A 413 1.33 6.21 19.68
CA GLU A 413 1.90 6.95 20.81
C GLU A 413 2.92 8.00 20.39
N TRP A 414 2.72 9.22 20.88
CA TRP A 414 3.71 10.28 20.68
C TRP A 414 3.63 11.36 21.75
N GLU A 415 4.77 12.02 21.97
CA GLU A 415 4.86 13.13 22.90
C GLU A 415 5.42 14.34 22.20
N PHE A 416 5.04 15.51 22.69
CA PHE A 416 5.60 16.76 22.23
C PHE A 416 7.04 16.86 22.75
N VAL A 417 7.89 17.47 21.94
CA VAL A 417 9.26 17.75 22.34
C VAL A 417 9.60 19.12 21.77
N ASN A 418 10.06 20.03 22.63
CA ASN A 418 10.34 21.38 22.17
C ASN A 418 11.70 21.48 21.51
N THR A 419 11.73 21.15 20.23
CA THR A 419 12.97 21.15 19.44
C THR A 419 12.70 21.94 18.16
N PRO A 420 12.71 23.29 18.27
CA PRO A 420 12.41 24.18 17.13
C PRO A 420 13.26 23.92 15.88
N PRO A 421 12.73 24.25 14.69
CA PRO A 421 11.41 24.86 14.44
C PRO A 421 10.26 23.96 14.89
N LEU A 422 9.15 24.57 15.28
CA LEU A 422 7.97 23.83 15.72
C LEU A 422 6.89 23.89 14.64
N VAL A 423 6.21 22.77 14.43
CA VAL A 423 5.16 22.68 13.42
C VAL A 423 3.91 23.36 13.95
N LYS A 424 3.41 24.33 13.19
CA LYS A 424 2.26 25.13 13.57
C LYS A 424 1.38 25.45 12.37
N LEU A 425 0.08 25.49 12.58
CA LEU A 425 -0.85 25.98 11.56
C LEU A 425 -0.71 27.49 11.46
N TRP A 426 -0.27 27.97 10.30
CA TRP A 426 0.04 29.39 10.13
C TRP A 426 -1.20 30.28 9.92
N TYR A 427 -2.34 29.67 9.64
CA TYR A 427 -3.61 30.40 9.58
C TYR A 427 -4.80 29.48 9.69
N GLN A 428 -5.97 30.07 9.90
CA GLN A 428 -7.17 29.32 10.22
C GLN A 428 -8.35 29.99 9.53
N LEU A 429 -8.91 29.37 8.50
CA LEU A 429 -10.10 29.93 7.87
C LEU A 429 -11.24 29.95 8.87
N GLU A 430 -12.05 31.00 8.82
CA GLU A 430 -13.21 31.10 9.71
C GLU A 430 -14.24 30.04 9.35
N LYS A 431 -15.12 29.76 10.30
CA LYS A 431 -16.12 28.71 10.16
C LYS A 431 -17.49 29.28 9.78
N GLU A 432 -17.66 30.58 10.05
CA GLU A 432 -18.90 31.30 9.77
C GLU A 432 -18.55 32.58 9.02
N PRO A 433 -19.50 33.11 8.22
CA PRO A 433 -19.27 34.41 7.58
C PRO A 433 -19.13 35.53 8.60
N ILE A 434 -18.44 36.59 8.20
CA ILE A 434 -17.97 37.62 9.12
C ILE A 434 -18.75 38.92 8.95
N VAL A 435 -19.42 39.36 10.02
CA VAL A 435 -20.20 40.61 9.97
C VAL A 435 -19.24 41.78 10.01
N GLY A 436 -19.57 42.86 9.30
CA GLY A 436 -18.68 44.00 9.16
C GLY A 436 -17.42 43.58 8.43
N ALA A 437 -17.61 42.78 7.38
CA ALA A 437 -16.50 42.31 6.54
C ALA A 437 -16.97 42.25 5.11
N GLU A 438 -16.26 42.96 4.25
CA GLU A 438 -16.64 43.10 2.86
C GLU A 438 -16.63 41.74 2.18
N THR A 439 -17.77 41.39 1.59
CA THR A 439 -17.89 40.18 0.80
C THR A 439 -17.42 40.40 -0.63
N PHE A 440 -16.28 39.84 -0.99
CA PHE A 440 -15.79 39.85 -2.37
C PHE A 440 -16.34 38.65 -3.12
N TYR A 441 -17.18 38.89 -4.11
CA TYR A 441 -17.54 37.85 -5.05
C TYR A 441 -16.47 37.81 -6.13
N VAL A 442 -15.62 36.79 -6.09
CA VAL A 442 -14.57 36.64 -7.10
C VAL A 442 -15.08 35.77 -8.24
N ASP A 443 -14.49 35.94 -9.42
CA ASP A 443 -14.72 35.04 -10.54
C ASP A 443 -13.55 35.14 -11.50
N GLY A 444 -13.47 34.22 -12.46
CA GLY A 444 -12.33 34.18 -13.36
C GLY A 444 -12.62 33.41 -14.63
N ALA A 445 -12.72 34.15 -15.74
CA ALA A 445 -12.91 33.54 -17.05
C ALA A 445 -11.56 33.46 -17.77
N ALA A 446 -11.52 32.65 -18.82
CA ALA A 446 -10.36 32.59 -19.71
C ALA A 446 -10.81 32.00 -21.06
N ASN A 447 -10.60 32.77 -22.13
CA ASN A 447 -10.92 32.31 -23.48
C ASN A 447 -10.01 31.14 -23.83
N ARG A 448 -10.61 30.02 -24.21
CA ARG A 448 -9.88 28.76 -24.34
C ARG A 448 -8.74 28.85 -25.36
N GLU A 449 -9.00 29.49 -26.49
CA GLU A 449 -8.05 29.53 -27.60
C GLU A 449 -7.03 30.66 -27.46
N THR A 450 -7.50 31.85 -27.09
CA THR A 450 -6.65 33.04 -27.05
C THR A 450 -5.80 33.13 -25.77
N LYS A 451 -6.21 32.40 -24.73
CA LYS A 451 -5.52 32.39 -23.42
C LYS A 451 -5.61 33.70 -22.62
N LEU A 452 -6.35 34.69 -23.12
CA LEU A 452 -6.49 35.97 -22.43
C LEU A 452 -7.36 35.86 -21.17
N GLY A 453 -6.73 36.06 -20.01
CA GLY A 453 -7.44 36.02 -18.73
C GLY A 453 -8.27 37.27 -18.49
N LYS A 454 -9.25 37.14 -17.59
CA LYS A 454 -10.06 38.28 -17.14
C LYS A 454 -10.50 38.04 -15.71
N ALA A 455 -9.53 38.04 -14.80
CA ALA A 455 -9.77 37.78 -13.38
C ALA A 455 -10.16 39.07 -12.69
N GLY A 456 -11.28 39.04 -11.95
CA GLY A 456 -11.79 40.23 -11.25
C GLY A 456 -12.77 39.92 -10.14
N TYR A 457 -13.52 40.94 -9.71
CA TYR A 457 -14.51 40.77 -8.65
C TYR A 457 -15.49 41.93 -8.55
N VAL A 458 -16.53 41.71 -7.74
CA VAL A 458 -17.48 42.74 -7.35
C VAL A 458 -17.64 42.55 -5.85
N THR A 459 -18.03 43.59 -5.12
CA THR A 459 -18.21 43.49 -3.66
C THR A 459 -19.49 44.14 -3.17
N ASN A 460 -19.85 43.87 -1.92
CA ASN A 460 -21.06 44.45 -1.32
C ASN A 460 -20.81 45.86 -0.80
N ARG A 461 -19.54 46.25 -0.69
CA ARG A 461 -19.18 47.64 -0.40
C ARG A 461 -19.20 48.49 -1.67
N GLY A 462 -19.65 47.89 -2.78
CA GLY A 462 -19.80 48.60 -4.04
C GLY A 462 -18.67 48.37 -5.02
N ARG A 463 -17.48 48.06 -4.53
CA ARG A 463 -16.27 47.98 -5.36
C ARG A 463 -16.29 46.91 -6.43
N GLN A 464 -15.74 47.26 -7.59
CA GLN A 464 -15.76 46.40 -8.75
C GLN A 464 -14.40 46.56 -9.45
N LYS A 465 -13.75 45.44 -9.78
CA LYS A 465 -12.42 45.50 -10.38
C LYS A 465 -12.15 44.29 -11.25
N VAL A 466 -11.60 44.52 -12.43
CA VAL A 466 -11.20 43.45 -13.33
C VAL A 466 -9.81 43.74 -13.89
N VAL A 467 -8.96 42.72 -13.90
CA VAL A 467 -7.63 42.84 -14.48
C VAL A 467 -7.57 41.95 -15.73
N THR A 468 -6.39 41.86 -16.33
CA THR A 468 -6.19 41.01 -17.50
C THR A 468 -4.88 40.26 -17.37
N LEU A 469 -4.97 38.95 -17.20
CA LEU A 469 -3.81 38.08 -17.28
C LEU A 469 -3.59 37.75 -18.75
N THR A 470 -2.47 37.09 -19.03
CA THR A 470 -2.15 36.63 -20.37
C THR A 470 -1.49 35.26 -20.27
N ASP A 471 -1.95 34.33 -21.10
CA ASP A 471 -1.53 32.92 -21.02
C ASP A 471 -1.86 32.32 -19.65
N THR A 472 -3.15 32.18 -19.36
CA THR A 472 -3.60 31.53 -18.13
C THR A 472 -4.78 30.58 -18.39
N THR A 473 -4.71 29.42 -17.74
CA THR A 473 -5.80 28.46 -17.68
C THR A 473 -6.95 29.04 -16.86
N ASN A 474 -8.11 28.41 -16.93
CA ASN A 474 -9.28 28.86 -16.15
C ASN A 474 -9.06 28.65 -14.66
N GLN A 475 -8.26 27.65 -14.33
CA GLN A 475 -7.80 27.47 -12.96
C GLN A 475 -7.07 28.72 -12.49
N LYS A 476 -6.04 29.11 -13.23
CA LYS A 476 -5.19 30.25 -12.88
C LYS A 476 -5.97 31.55 -12.65
N THR A 477 -6.96 31.84 -13.49
CA THR A 477 -7.73 33.08 -13.35
C THR A 477 -8.64 33.03 -12.12
N GLU A 478 -9.36 31.93 -11.92
CA GLU A 478 -10.20 31.75 -10.73
C GLU A 478 -9.35 31.85 -9.45
N LEU A 479 -8.09 31.45 -9.55
CA LEU A 479 -7.17 31.51 -8.42
C LEU A 479 -6.53 32.89 -8.32
N GLN A 480 -6.29 33.54 -9.46
CA GLN A 480 -5.79 34.90 -9.46
C GLN A 480 -6.83 35.85 -8.84
N ALA A 481 -8.09 35.60 -9.16
CA ALA A 481 -9.20 36.39 -8.63
C ALA A 481 -9.24 36.42 -7.10
N ILE A 482 -8.86 35.30 -6.46
CA ILE A 482 -8.85 35.21 -5.00
C ILE A 482 -7.70 36.01 -4.41
N TYR A 483 -6.52 35.89 -5.02
CA TYR A 483 -5.38 36.73 -4.68
C TYR A 483 -5.73 38.20 -4.85
N LEU A 484 -6.54 38.49 -5.86
CA LEU A 484 -7.07 39.85 -6.06
C LEU A 484 -7.88 40.33 -4.87
N ALA A 485 -8.80 39.50 -4.39
CA ALA A 485 -9.65 39.85 -3.26
C ALA A 485 -8.82 39.93 -1.98
N LEU A 486 -7.77 39.12 -1.89
CA LEU A 486 -6.89 39.14 -0.71
C LEU A 486 -5.95 40.33 -0.70
N GLN A 487 -5.65 40.87 -1.89
CA GLN A 487 -4.76 42.04 -1.99
C GLN A 487 -5.48 43.34 -1.66
N ASP A 488 -6.64 43.54 -2.28
CA ASP A 488 -7.37 44.79 -2.14
C ASP A 488 -8.22 44.85 -0.89
N SER A 489 -8.20 43.80 -0.08
CA SER A 489 -9.10 43.70 1.07
C SER A 489 -8.40 44.11 2.36
N GLY A 490 -9.19 44.26 3.41
CA GLY A 490 -8.67 44.61 4.74
C GLY A 490 -8.18 43.40 5.50
N LEU A 491 -8.18 43.50 6.83
CA LEU A 491 -7.73 42.40 7.67
C LEU A 491 -8.87 41.43 7.98
N GLU A 492 -10.08 41.72 7.50
CA GLU A 492 -11.16 40.73 7.49
C GLU A 492 -11.70 40.66 6.08
N VAL A 493 -12.41 39.59 5.74
CA VAL A 493 -12.93 39.39 4.37
C VAL A 493 -13.67 38.07 4.18
N ASN A 494 -14.81 38.14 3.50
CA ASN A 494 -15.51 36.97 3.04
C ASN A 494 -15.30 36.89 1.54
N ILE A 495 -14.91 35.73 1.04
CA ILE A 495 -14.66 35.58 -0.39
C ILE A 495 -15.58 34.52 -0.94
N VAL A 496 -16.23 34.81 -2.06
CA VAL A 496 -17.19 33.88 -2.65
C VAL A 496 -16.75 33.49 -4.06
N THR A 497 -16.65 32.19 -4.28
CA THR A 497 -16.16 31.66 -5.54
C THR A 497 -17.15 30.63 -6.08
N ASP A 498 -17.02 30.32 -7.37
CA ASP A 498 -17.72 29.18 -7.96
C ASP A 498 -16.72 28.12 -8.41
N SER A 499 -15.45 28.27 -8.02
CA SER A 499 -14.40 27.29 -8.32
C SER A 499 -14.13 26.36 -7.13
N GLN A 500 -14.57 25.11 -7.26
CA GLN A 500 -14.23 24.10 -6.24
C GLN A 500 -12.73 23.87 -6.19
N TYR A 501 -12.09 23.98 -7.35
CA TYR A 501 -10.65 23.78 -7.43
C TYR A 501 -9.93 24.62 -6.37
N ALA A 502 -10.05 25.94 -6.49
CA ALA A 502 -9.43 26.87 -5.53
C ALA A 502 -9.88 26.62 -4.09
N LEU A 503 -11.18 26.36 -3.93
CA LEU A 503 -11.77 26.12 -2.63
C LEU A 503 -11.06 25.00 -1.89
N GLY A 504 -11.00 23.84 -2.54
CA GLY A 504 -10.35 22.66 -1.97
C GLY A 504 -8.91 22.96 -1.61
N ILE A 505 -8.21 23.62 -2.53
CA ILE A 505 -6.80 23.96 -2.33
C ILE A 505 -6.61 24.77 -1.07
N ILE A 506 -7.45 25.77 -0.86
CA ILE A 506 -7.29 26.71 0.24
C ILE A 506 -7.81 26.12 1.55
N GLN A 507 -8.89 25.36 1.49
CA GLN A 507 -9.42 24.72 2.71
C GLN A 507 -8.48 23.69 3.31
N ALA A 508 -7.47 23.26 2.56
CA ALA A 508 -6.43 22.37 3.07
C ALA A 508 -5.40 23.09 3.93
N GLN A 509 -5.60 24.39 4.15
CA GLN A 509 -4.62 25.22 4.86
C GLN A 509 -3.18 24.98 4.39
N PRO A 510 -2.92 25.14 3.08
CA PRO A 510 -1.54 24.97 2.65
C PRO A 510 -0.62 26.04 3.24
N ASP A 511 0.61 25.66 3.54
CA ASP A 511 1.62 26.64 3.93
C ASP A 511 2.84 26.58 3.01
N GLN A 512 2.67 25.92 1.87
CA GLN A 512 3.78 25.57 0.98
C GLN A 512 3.20 25.04 -0.32
N SER A 513 3.74 25.49 -1.45
CA SER A 513 3.21 25.05 -2.75
C SER A 513 4.21 25.01 -3.90
N GLU A 514 3.91 24.13 -4.85
CA GLU A 514 4.64 24.07 -6.12
C GLU A 514 4.15 25.17 -7.09
N SER A 515 2.97 25.74 -6.81
CA SER A 515 2.45 26.87 -7.59
C SER A 515 3.05 28.16 -7.06
N GLU A 516 3.14 29.16 -7.94
CA GLU A 516 3.65 30.48 -7.57
C GLU A 516 2.52 31.31 -6.97
N LEU A 517 1.40 31.34 -7.70
CA LEU A 517 0.20 32.05 -7.28
C LEU A 517 -0.20 31.68 -5.86
N VAL A 518 -0.19 30.37 -5.57
CA VAL A 518 -0.66 29.86 -4.28
C VAL A 518 0.22 30.36 -3.14
N ASN A 519 1.53 30.35 -3.35
CA ASN A 519 2.45 30.86 -2.33
C ASN A 519 2.20 32.34 -2.04
N GLN A 520 1.76 33.07 -3.06
CA GLN A 520 1.36 34.46 -2.87
C GLN A 520 0.04 34.56 -2.08
N ILE A 521 -0.90 33.66 -2.39
CA ILE A 521 -2.16 33.61 -1.64
C ILE A 521 -1.93 33.19 -0.18
N ILE A 522 -0.97 32.29 0.05
CA ILE A 522 -0.62 31.90 1.41
C ILE A 522 -0.08 33.12 2.16
N GLU A 523 0.80 33.88 1.54
CA GLU A 523 1.33 35.13 2.11
C GLU A 523 0.22 36.02 2.63
N GLN A 524 -0.78 36.27 1.80
CA GLN A 524 -1.93 37.06 2.19
C GLN A 524 -2.64 36.42 3.37
N LEU A 525 -3.07 35.17 3.18
CA LEU A 525 -3.84 34.45 4.19
C LEU A 525 -3.21 34.53 5.57
N ILE A 526 -1.88 34.44 5.61
CA ILE A 526 -1.15 34.51 6.88
C ILE A 526 -1.30 35.88 7.53
N LYS A 527 -1.33 36.93 6.72
CA LYS A 527 -1.41 38.30 7.22
C LYS A 527 -2.79 38.72 7.68
N LYS A 528 -3.85 38.20 7.06
CA LYS A 528 -5.21 38.60 7.44
C LYS A 528 -5.51 38.22 8.89
N GLU A 529 -6.55 38.81 9.46
CA GLU A 529 -7.00 38.45 10.81
C GLU A 529 -8.12 37.44 10.74
N LYS A 530 -9.01 37.58 9.77
CA LYS A 530 -10.11 36.64 9.57
C LYS A 530 -10.48 36.51 8.09
N VAL A 531 -10.37 35.30 7.53
CA VAL A 531 -10.87 35.05 6.18
C VAL A 531 -11.93 33.96 6.24
N TYR A 532 -13.05 34.21 5.59
CA TYR A 532 -14.07 33.20 5.38
C TYR A 532 -14.26 32.98 3.89
N LEU A 533 -14.40 31.72 3.49
CA LEU A 533 -14.43 31.35 2.09
C LEU A 533 -15.65 30.48 1.84
N ALA A 534 -16.41 30.82 0.80
CA ALA A 534 -17.63 30.10 0.45
C ALA A 534 -17.64 29.79 -1.04
N TRP A 535 -18.50 28.86 -1.42
CA TRP A 535 -18.58 28.37 -2.79
C TRP A 535 -20.03 28.43 -3.28
N VAL A 536 -20.23 28.67 -4.56
CA VAL A 536 -21.55 28.63 -5.16
C VAL A 536 -21.52 27.94 -6.53
N PRO A 537 -22.68 27.49 -7.01
CA PRO A 537 -22.79 26.98 -8.38
C PRO A 537 -22.81 28.09 -9.44
N ALA A 538 -21.87 28.03 -10.39
CA ALA A 538 -21.79 29.02 -11.45
C ALA A 538 -22.99 28.92 -12.38
N HIS A 539 -23.42 30.06 -12.92
CA HIS A 539 -24.48 30.14 -13.95
C HIS A 539 -25.87 29.69 -13.49
N LYS A 540 -26.05 29.46 -12.18
CA LYS A 540 -27.38 29.20 -11.62
C LYS A 540 -28.06 30.51 -11.21
N GLY A 541 -27.37 31.63 -11.41
CA GLY A 541 -27.97 32.96 -11.27
C GLY A 541 -27.96 33.48 -9.84
N ILE A 542 -26.77 33.52 -9.25
CA ILE A 542 -26.61 33.91 -7.84
C ILE A 542 -26.29 35.40 -7.69
N GLY A 543 -26.99 36.04 -6.76
CA GLY A 543 -26.76 37.44 -6.41
C GLY A 543 -25.32 37.67 -5.99
N GLY A 544 -24.55 38.28 -6.88
CA GLY A 544 -23.13 38.54 -6.65
C GLY A 544 -22.29 37.82 -7.68
N ASN A 545 -22.47 36.51 -7.77
CA ASN A 545 -21.71 35.69 -8.72
C ASN A 545 -22.09 36.04 -10.16
N GLU A 546 -23.33 36.45 -10.36
CA GLU A 546 -23.79 36.90 -11.68
C GLU A 546 -23.20 38.27 -12.05
N GLN A 547 -23.21 39.18 -11.08
CA GLN A 547 -22.61 40.52 -11.27
C GLN A 547 -21.13 40.46 -11.69
N VAL A 548 -20.35 39.62 -11.04
CA VAL A 548 -18.92 39.50 -11.33
C VAL A 548 -18.71 38.86 -12.69
N ASP A 549 -19.40 37.74 -12.93
CA ASP A 549 -19.26 36.98 -14.17
C ASP A 549 -19.47 37.86 -15.39
N LYS A 550 -20.36 38.85 -15.28
CA LYS A 550 -20.56 39.83 -16.34
C LYS A 550 -19.25 40.49 -16.79
N LEU A 551 -18.70 41.34 -15.93
CA LEU A 551 -17.44 42.04 -16.25
C LEU A 551 -16.28 41.07 -16.48
N VAL A 552 -16.36 39.89 -15.86
CA VAL A 552 -15.33 38.86 -16.00
C VAL A 552 -15.39 38.13 -17.35
N SER A 553 -16.60 37.98 -17.90
CA SER A 553 -16.80 37.23 -19.17
C SER A 553 -16.48 38.03 -20.46
N ALA A 554 -16.61 39.36 -20.39
CA ALA A 554 -16.45 40.22 -21.57
C ALA A 554 -15.15 39.94 -22.34
N GLY A 555 -15.28 39.22 -23.45
CA GLY A 555 -14.13 38.86 -24.31
C GLY A 555 -14.13 37.42 -24.79
N ILE A 556 -15.27 36.98 -25.34
CA ILE A 556 -15.48 35.60 -25.80
C ILE A 556 -15.07 34.55 -24.75
N ILE B 5 -14.72 -38.33 -0.79
CA ILE B 5 -14.80 -36.91 -1.21
C ILE B 5 -13.59 -36.54 -2.10
N GLU B 6 -13.84 -36.42 -3.40
CA GLU B 6 -12.80 -36.00 -4.36
C GLU B 6 -13.16 -34.65 -4.99
N THR B 7 -12.20 -34.03 -5.66
CA THR B 7 -12.20 -32.57 -5.86
C THR B 7 -12.82 -32.07 -7.15
N VAL B 8 -13.52 -30.93 -7.06
CA VAL B 8 -14.02 -30.24 -8.25
C VAL B 8 -12.86 -29.58 -8.98
N PRO B 9 -12.64 -29.93 -10.27
CA PRO B 9 -11.56 -29.27 -11.02
C PRO B 9 -11.84 -27.77 -11.19
N VAL B 10 -10.80 -26.95 -11.06
CA VAL B 10 -10.93 -25.48 -11.09
C VAL B 10 -10.06 -24.89 -12.20
N LYS B 11 -10.33 -23.63 -12.55
CA LYS B 11 -9.50 -22.92 -13.52
C LYS B 11 -9.65 -21.38 -13.46
N LEU B 12 -8.69 -20.69 -14.09
CA LEU B 12 -8.72 -19.23 -14.25
C LEU B 12 -9.37 -18.81 -15.57
N LYS B 13 -9.11 -19.61 -16.61
CA LYS B 13 -9.27 -19.26 -18.05
C LYS B 13 -7.92 -19.56 -18.71
N PRO B 14 -7.87 -19.59 -20.06
CA PRO B 14 -6.57 -19.56 -20.76
C PRO B 14 -5.79 -18.26 -20.49
N GLY B 15 -6.50 -17.14 -20.45
CA GLY B 15 -5.91 -15.84 -20.10
C GLY B 15 -5.82 -15.65 -18.60
N MET B 16 -5.12 -14.59 -18.19
CA MET B 16 -4.88 -14.28 -16.76
C MET B 16 -4.05 -15.36 -16.06
N ASP B 17 -2.85 -14.99 -15.64
CA ASP B 17 -2.02 -15.86 -14.81
C ASP B 17 -2.42 -15.63 -13.35
N GLY B 18 -1.86 -16.43 -12.44
CA GLY B 18 -2.19 -16.34 -11.03
C GLY B 18 -1.64 -15.10 -10.34
N PRO B 19 -2.01 -14.91 -9.05
CA PRO B 19 -1.68 -13.72 -8.27
C PRO B 19 -0.22 -13.68 -7.81
N LYS B 20 0.42 -12.52 -8.00
CA LYS B 20 1.78 -12.30 -7.54
C LYS B 20 1.80 -11.00 -6.74
N VAL B 21 1.05 -11.01 -5.64
CA VAL B 21 0.90 -9.85 -4.77
C VAL B 21 1.95 -9.90 -3.68
N LYS B 22 2.61 -8.77 -3.43
CA LYS B 22 3.67 -8.69 -2.41
C LYS B 22 3.07 -8.81 -1.01
N GLN B 23 3.91 -9.20 -0.04
CA GLN B 23 3.45 -9.42 1.34
C GLN B 23 3.76 -8.19 2.18
N TRP B 24 2.72 -7.58 2.72
CA TRP B 24 2.88 -6.36 3.50
C TRP B 24 3.50 -6.70 4.85
N PRO B 25 4.54 -5.95 5.29
CA PRO B 25 5.22 -6.20 6.56
C PRO B 25 4.29 -6.36 7.75
N LEU B 26 4.58 -7.32 8.61
CA LEU B 26 3.78 -7.58 9.79
C LEU B 26 4.65 -7.40 11.02
N THR B 27 4.02 -7.05 12.14
CA THR B 27 4.74 -6.91 13.40
C THR B 27 5.06 -8.27 13.99
N GLU B 28 6.00 -8.31 14.93
CA GLU B 28 6.50 -9.56 15.49
C GLU B 28 5.41 -10.43 16.09
N GLU B 29 4.46 -9.81 16.78
CA GLU B 29 3.41 -10.56 17.46
C GLU B 29 2.57 -11.38 16.49
N LYS B 30 2.39 -10.85 15.29
CA LYS B 30 1.55 -11.49 14.30
C LYS B 30 2.33 -12.54 13.54
N ILE B 31 3.56 -12.21 13.14
CA ILE B 31 4.45 -13.19 12.52
C ILE B 31 4.50 -14.46 13.35
N LYS B 32 4.65 -14.30 14.67
CA LYS B 32 4.66 -15.42 15.62
C LYS B 32 3.31 -16.09 15.70
N ALA B 33 2.25 -15.29 15.81
CA ALA B 33 0.88 -15.81 15.79
C ALA B 33 0.65 -16.68 14.56
N LEU B 34 1.21 -16.26 13.43
CA LEU B 34 1.00 -16.96 12.17
C LEU B 34 1.79 -18.28 12.06
N VAL B 35 2.93 -18.41 12.74
CA VAL B 35 3.69 -19.66 12.70
C VAL B 35 3.01 -20.75 13.54
N GLU B 36 2.45 -20.37 14.69
CA GLU B 36 1.68 -21.32 15.47
C GLU B 36 0.57 -21.88 14.61
N ILE B 37 -0.22 -21.01 14.01
CA ILE B 37 -1.30 -21.43 13.13
C ILE B 37 -0.81 -22.30 11.98
N CYS B 38 0.26 -21.87 11.32
CA CYS B 38 0.76 -22.58 10.15
C CYS B 38 1.45 -23.91 10.48
N THR B 39 1.86 -24.10 11.72
CA THR B 39 2.44 -25.37 12.15
C THR B 39 1.30 -26.34 12.33
N GLU B 40 0.35 -25.95 13.18
CA GLU B 40 -0.89 -26.70 13.37
C GLU B 40 -1.57 -27.11 12.07
N MET B 41 -1.62 -26.20 11.10
CA MET B 41 -2.30 -26.48 9.84
C MET B 41 -1.51 -27.42 8.93
N GLU B 42 -0.19 -27.48 9.12
CA GLU B 42 0.64 -28.38 8.31
C GLU B 42 0.63 -29.79 8.89
N LYS B 43 0.73 -29.88 10.22
CA LYS B 43 0.53 -31.14 10.92
C LYS B 43 -0.84 -31.73 10.59
N GLU B 44 -1.87 -30.89 10.65
CA GLU B 44 -3.23 -31.31 10.28
C GLU B 44 -3.39 -31.51 8.78
N GLY B 45 -2.36 -31.19 8.00
CA GLY B 45 -2.35 -31.49 6.57
C GLY B 45 -3.16 -30.56 5.69
N LYS B 46 -3.69 -29.48 6.27
CA LYS B 46 -4.50 -28.51 5.54
C LYS B 46 -3.66 -27.73 4.53
N ILE B 47 -2.49 -27.27 4.98
CA ILE B 47 -1.51 -26.62 4.09
C ILE B 47 -0.22 -27.41 4.10
N SER B 48 0.66 -27.10 3.15
CA SER B 48 2.00 -27.70 3.13
C SER B 48 3.03 -26.75 2.51
N LYS B 49 4.26 -26.79 3.04
CA LYS B 49 5.34 -25.90 2.58
C LYS B 49 5.52 -26.00 1.08
N ILE B 50 6.25 -25.05 0.51
CA ILE B 50 6.45 -25.06 -0.94
C ILE B 50 7.78 -24.46 -1.36
N GLY B 51 8.27 -24.96 -2.50
CA GLY B 51 9.51 -24.46 -3.08
C GLY B 51 9.22 -23.22 -3.91
N PRO B 52 10.29 -22.59 -4.44
CA PRO B 52 10.19 -21.32 -5.13
C PRO B 52 9.82 -21.50 -6.59
N GLU B 53 9.64 -22.76 -7.02
CA GLU B 53 9.05 -23.06 -8.32
C GLU B 53 7.59 -22.60 -8.41
N ASN B 54 7.04 -22.17 -7.27
CA ASN B 54 5.74 -21.53 -7.20
C ASN B 54 5.93 -20.00 -7.21
N PRO B 55 5.61 -19.34 -8.34
CA PRO B 55 5.83 -17.89 -8.44
C PRO B 55 4.70 -17.00 -7.90
N TYR B 56 3.71 -17.59 -7.24
CA TYR B 56 2.49 -16.88 -6.86
C TYR B 56 2.49 -16.54 -5.39
N ASN B 57 1.88 -15.40 -5.05
CA ASN B 57 1.70 -15.03 -3.66
C ASN B 57 0.42 -14.26 -3.42
N THR B 58 -0.14 -14.49 -2.25
CA THR B 58 -1.30 -13.78 -1.76
C THR B 58 -0.93 -13.32 -0.37
N PRO B 59 -1.29 -12.08 -0.01
CA PRO B 59 -0.94 -11.62 1.32
C PRO B 59 -1.66 -12.36 2.43
N VAL B 60 -1.01 -12.48 3.58
CA VAL B 60 -1.66 -13.05 4.77
C VAL B 60 -1.43 -12.14 5.96
N PHE B 61 -2.42 -12.12 6.84
CA PHE B 61 -2.42 -11.26 8.01
C PHE B 61 -2.96 -12.04 9.19
N ALA B 62 -2.83 -11.44 10.37
CA ALA B 62 -3.38 -11.99 11.62
C ALA B 62 -4.29 -10.96 12.27
N ILE B 63 -5.47 -11.41 12.72
CA ILE B 63 -6.49 -10.54 13.29
C ILE B 63 -7.13 -11.17 14.54
N LYS B 64 -8.21 -10.58 15.05
CA LYS B 64 -8.96 -11.13 16.19
C LYS B 64 -10.38 -11.50 15.76
N SER B 68 -11.09 -11.03 20.06
CA SER B 68 -10.88 -11.68 21.35
C SER B 68 -9.39 -12.01 21.56
N THR B 69 -9.09 -12.80 22.60
CA THR B 69 -7.70 -13.16 22.94
C THR B 69 -7.03 -14.07 21.90
N LYS B 70 -7.85 -14.82 21.15
CA LYS B 70 -7.32 -15.77 20.18
C LYS B 70 -7.05 -15.03 18.86
N TRP B 71 -5.97 -15.41 18.17
CA TRP B 71 -5.66 -14.87 16.84
C TRP B 71 -6.39 -15.67 15.76
N ARG B 72 -6.52 -15.07 14.58
CA ARG B 72 -7.07 -15.77 13.42
C ARG B 72 -6.25 -15.40 12.20
N LYS B 73 -6.08 -16.36 11.29
CA LYS B 73 -5.35 -16.10 10.06
C LYS B 73 -6.31 -15.60 9.00
N LEU B 74 -6.00 -14.43 8.43
CA LEU B 74 -6.77 -13.88 7.33
C LEU B 74 -5.88 -13.90 6.11
N VAL B 75 -6.35 -14.50 5.03
CA VAL B 75 -5.59 -14.55 3.80
C VAL B 75 -6.30 -13.68 2.78
N ASP B 76 -5.56 -12.79 2.15
CA ASP B 76 -6.13 -11.81 1.23
C ASP B 76 -6.20 -12.33 -0.21
N PHE B 77 -7.31 -12.99 -0.53
CA PHE B 77 -7.51 -13.59 -1.85
C PHE B 77 -8.21 -12.66 -2.82
N ARG B 78 -7.96 -11.36 -2.70
CA ARG B 78 -8.67 -10.40 -3.51
C ARG B 78 -8.29 -10.53 -4.98
N GLU B 79 -7.00 -10.67 -5.25
CA GLU B 79 -6.53 -10.86 -6.61
C GLU B 79 -7.00 -12.21 -7.17
N LEU B 80 -6.95 -13.24 -6.34
CA LEU B 80 -7.32 -14.58 -6.80
C LEU B 80 -8.79 -14.62 -7.15
N ASN B 81 -9.62 -14.00 -6.33
CA ASN B 81 -11.04 -13.92 -6.63
C ASN B 81 -11.26 -13.23 -7.99
N LYS B 82 -10.70 -12.04 -8.16
CA LYS B 82 -10.77 -11.34 -9.45
C LYS B 82 -10.39 -12.23 -10.65
N ARG B 83 -9.44 -13.14 -10.44
CA ARG B 83 -8.95 -14.00 -11.52
C ARG B 83 -9.61 -15.38 -11.55
N THR B 84 -10.62 -15.57 -10.71
CA THR B 84 -11.37 -16.83 -10.63
C THR B 84 -12.87 -16.60 -10.92
N GLN B 85 -13.23 -15.36 -11.28
CA GLN B 85 -14.64 -14.94 -11.34
C GLN B 85 -15.52 -15.85 -12.21
N ASP B 86 -14.96 -16.40 -13.28
CA ASP B 86 -15.70 -17.30 -14.13
C ASP B 86 -16.17 -18.53 -13.35
N PHE B 87 -15.26 -19.07 -12.54
CA PHE B 87 -15.55 -20.26 -11.75
C PHE B 87 -16.61 -20.00 -10.67
N TRP B 88 -16.33 -19.06 -9.76
CA TRP B 88 -17.20 -18.87 -8.60
C TRP B 88 -18.49 -18.07 -8.86
N GLU B 89 -18.61 -17.42 -10.02
CA GLU B 89 -19.81 -16.64 -10.31
C GLU B 89 -20.71 -17.26 -11.37
N VAL B 90 -20.19 -17.42 -12.59
CA VAL B 90 -20.99 -17.91 -13.72
C VAL B 90 -21.15 -19.44 -13.70
N GLN B 91 -20.06 -20.18 -13.53
CA GLN B 91 -20.10 -21.64 -13.57
C GLN B 91 -20.75 -22.28 -12.33
N LEU B 92 -20.36 -21.83 -11.15
CA LEU B 92 -20.78 -22.48 -9.90
C LEU B 92 -21.37 -21.48 -8.90
N GLY B 93 -22.05 -20.47 -9.40
CA GLY B 93 -22.60 -19.39 -8.58
C GLY B 93 -23.60 -19.79 -7.51
N ILE B 94 -23.79 -18.89 -6.54
CA ILE B 94 -24.83 -19.00 -5.51
C ILE B 94 -25.79 -17.83 -5.68
N PRO B 95 -27.07 -18.11 -5.94
CA PRO B 95 -28.02 -17.01 -6.12
C PRO B 95 -28.25 -16.20 -4.85
N HIS B 96 -28.60 -14.93 -5.01
CA HIS B 96 -28.85 -14.05 -3.88
C HIS B 96 -30.36 -13.88 -3.67
N PRO B 97 -30.86 -14.24 -2.48
CA PRO B 97 -32.27 -14.01 -2.18
C PRO B 97 -32.60 -12.55 -1.87
N ALA B 98 -33.45 -11.96 -2.69
CA ALA B 98 -33.93 -10.59 -2.49
C ALA B 98 -34.79 -10.47 -1.23
N GLY B 99 -35.15 -11.59 -0.63
CA GLY B 99 -35.94 -11.61 0.60
C GLY B 99 -35.14 -11.33 1.85
N LEU B 100 -33.83 -11.60 1.80
CA LEU B 100 -32.95 -11.47 2.97
C LEU B 100 -33.05 -10.09 3.62
N LYS B 101 -32.90 -9.04 2.80
CA LYS B 101 -33.05 -7.64 3.26
C LYS B 101 -34.42 -7.33 3.84
N LYS B 102 -35.44 -8.09 3.45
CA LYS B 102 -36.80 -7.84 3.93
C LYS B 102 -37.05 -8.36 5.35
N LYS B 103 -36.14 -9.19 5.86
CA LYS B 103 -36.39 -9.87 7.14
C LYS B 103 -36.18 -8.96 8.33
N LYS B 104 -36.87 -9.30 9.43
CA LYS B 104 -36.81 -8.52 10.66
C LYS B 104 -35.41 -8.57 11.27
N SER B 105 -34.82 -9.77 11.25
CA SER B 105 -33.50 -9.99 11.84
C SER B 105 -32.65 -10.87 10.93
N VAL B 106 -31.37 -10.54 10.82
CA VAL B 106 -30.40 -11.40 10.13
C VAL B 106 -29.23 -11.68 11.07
N THR B 107 -28.90 -12.94 11.27
CA THR B 107 -27.75 -13.34 12.09
C THR B 107 -26.68 -13.89 11.16
N VAL B 108 -25.43 -13.50 11.39
CA VAL B 108 -24.31 -13.98 10.60
C VAL B 108 -23.57 -15.07 11.38
N LEU B 109 -23.25 -16.17 10.72
CA LEU B 109 -22.52 -17.27 11.33
C LEU B 109 -21.30 -17.62 10.49
N ASP B 110 -20.18 -17.90 11.16
CA ASP B 110 -18.92 -18.20 10.50
C ASP B 110 -18.82 -19.68 10.23
N VAL B 111 -18.87 -20.05 8.96
CA VAL B 111 -18.80 -21.46 8.56
C VAL B 111 -17.52 -21.72 7.78
N GLY B 112 -16.44 -21.06 8.18
CA GLY B 112 -15.15 -21.20 7.51
C GLY B 112 -14.49 -22.54 7.76
N ASP B 113 -14.68 -23.09 8.96
CA ASP B 113 -14.12 -24.39 9.31
C ASP B 113 -14.59 -25.48 8.38
N ALA B 114 -15.83 -25.36 7.89
CA ALA B 114 -16.39 -26.27 6.91
C ALA B 114 -15.42 -26.60 5.77
N TYR B 115 -14.73 -25.59 5.25
CA TYR B 115 -13.92 -25.75 4.04
C TYR B 115 -12.63 -26.56 4.24
N PHE B 116 -12.23 -26.78 5.49
CA PHE B 116 -10.99 -27.51 5.76
C PHE B 116 -11.08 -29.02 5.55
N SER B 117 -12.29 -29.55 5.54
CA SER B 117 -12.51 -30.98 5.39
C SER B 117 -12.84 -31.36 3.94
N VAL B 118 -12.34 -30.57 2.99
CA VAL B 118 -12.64 -30.77 1.58
C VAL B 118 -11.41 -30.46 0.74
N PRO B 119 -10.88 -31.47 0.04
CA PRO B 119 -9.60 -31.26 -0.65
C PRO B 119 -9.72 -30.31 -1.83
N LEU B 120 -8.63 -29.59 -2.11
CA LEU B 120 -8.58 -28.62 -3.20
C LEU B 120 -7.98 -29.28 -4.43
N ASP B 121 -8.53 -28.99 -5.60
CA ASP B 121 -8.00 -29.50 -6.87
C ASP B 121 -6.47 -29.34 -6.88
N GLU B 122 -5.76 -30.47 -6.87
CA GLU B 122 -4.31 -30.47 -6.81
C GLU B 122 -3.68 -29.56 -7.87
N ASP B 123 -4.29 -29.48 -9.05
CA ASP B 123 -3.82 -28.56 -10.10
C ASP B 123 -4.02 -27.09 -9.74
N PHE B 124 -4.94 -26.81 -8.83
CA PHE B 124 -5.24 -25.43 -8.43
C PHE B 124 -4.46 -24.92 -7.20
N ARG B 125 -3.75 -25.81 -6.52
CA ARG B 125 -3.13 -25.43 -5.24
C ARG B 125 -1.97 -24.44 -5.34
N LYS B 126 -1.29 -24.38 -6.48
CA LYS B 126 -0.16 -23.46 -6.62
C LYS B 126 -0.60 -22.00 -6.53
N TYR B 127 -1.86 -21.74 -6.87
CA TYR B 127 -2.38 -20.39 -6.84
C TYR B 127 -2.82 -19.95 -5.45
N THR B 128 -2.50 -20.74 -4.42
CA THR B 128 -2.86 -20.38 -3.05
C THR B 128 -1.62 -20.14 -2.18
N ALA B 129 -0.49 -19.88 -2.82
CA ALA B 129 0.76 -19.64 -2.10
C ALA B 129 0.72 -18.35 -1.30
N PHE B 130 1.23 -18.40 -0.07
CA PHE B 130 1.46 -17.18 0.71
C PHE B 130 2.77 -17.29 1.51
N THR B 131 3.32 -16.14 1.87
CA THR B 131 4.57 -16.07 2.62
C THR B 131 4.34 -15.53 4.04
N ILE B 132 4.91 -16.20 5.05
CA ILE B 132 5.06 -15.55 6.36
C ILE B 132 6.40 -14.85 6.36
N PRO B 133 6.40 -13.52 6.52
CA PRO B 133 7.65 -12.79 6.41
C PRO B 133 8.41 -12.79 7.72
N SER B 134 9.69 -12.46 7.63
CA SER B 134 10.62 -12.56 8.75
C SER B 134 11.15 -11.19 9.07
N ILE B 135 11.23 -10.87 10.37
CA ILE B 135 11.71 -9.57 10.83
C ILE B 135 13.13 -9.29 10.33
N ASN B 136 13.36 -8.08 9.86
CA ASN B 136 14.64 -7.66 9.28
C ASN B 136 15.14 -8.61 8.18
N ASN B 137 14.21 -9.27 7.51
CA ASN B 137 14.58 -10.21 6.46
C ASN B 137 15.67 -11.19 6.89
N GLU B 138 15.57 -11.64 8.14
CA GLU B 138 16.51 -12.60 8.71
C GLU B 138 16.52 -13.88 7.87
N THR B 139 15.34 -14.45 7.70
CA THR B 139 15.16 -15.69 6.96
C THR B 139 14.38 -15.35 5.70
N PRO B 140 14.42 -16.23 4.69
CA PRO B 140 13.56 -16.04 3.51
C PRO B 140 12.06 -16.12 3.81
N GLY B 141 11.71 -16.61 5.00
CA GLY B 141 10.32 -16.54 5.41
C GLY B 141 9.52 -17.69 4.85
N ILE B 142 8.54 -18.12 5.64
CA ILE B 142 7.92 -19.43 5.49
C ILE B 142 6.85 -19.44 4.40
N ARG B 143 7.14 -20.12 3.29
CA ARG B 143 6.19 -20.25 2.17
C ARG B 143 5.27 -21.45 2.39
N TYR B 144 4.04 -21.35 1.92
CA TYR B 144 3.06 -22.42 2.09
C TYR B 144 2.15 -22.48 0.89
N GLN B 145 1.30 -23.49 0.84
CA GLN B 145 0.10 -23.45 0.01
C GLN B 145 -0.96 -24.38 0.56
N TYR B 146 -2.20 -24.18 0.11
CA TYR B 146 -3.34 -24.92 0.65
C TYR B 146 -3.56 -26.25 -0.05
N ASN B 147 -3.97 -27.26 0.71
CA ASN B 147 -4.37 -28.57 0.16
C ASN B 147 -5.88 -28.76 0.19
N VAL B 148 -6.49 -28.27 1.26
CA VAL B 148 -7.94 -28.18 1.38
C VAL B 148 -8.41 -26.84 0.81
N LEU B 149 -9.72 -26.64 0.80
CA LEU B 149 -10.30 -25.35 0.42
C LEU B 149 -9.88 -24.30 1.45
N PRO B 150 -9.38 -23.14 0.97
CA PRO B 150 -8.99 -22.05 1.85
C PRO B 150 -10.16 -21.14 2.18
N GLN B 151 -10.17 -20.61 3.40
CA GLN B 151 -11.10 -19.54 3.76
C GLN B 151 -10.67 -18.26 3.05
N GLY B 152 -11.64 -17.43 2.67
CA GLY B 152 -11.35 -16.15 2.02
C GLY B 152 -11.39 -16.20 0.51
N TRP B 153 -11.17 -17.38 -0.06
CA TRP B 153 -11.34 -17.58 -1.49
C TRP B 153 -12.80 -17.81 -1.78
N LYS B 154 -13.29 -17.19 -2.87
CA LYS B 154 -14.70 -17.27 -3.23
C LYS B 154 -15.07 -18.61 -3.86
N GLY B 155 -14.08 -19.33 -4.37
CA GLY B 155 -14.32 -20.68 -4.90
C GLY B 155 -14.77 -21.68 -3.85
N SER B 156 -14.28 -21.51 -2.62
CA SER B 156 -14.58 -22.45 -1.52
C SER B 156 -16.08 -22.68 -1.30
N PRO B 157 -16.85 -21.62 -0.99
CA PRO B 157 -18.30 -21.81 -0.92
C PRO B 157 -18.93 -22.25 -2.25
N ALA B 158 -18.34 -21.80 -3.36
CA ALA B 158 -18.82 -22.19 -4.68
C ALA B 158 -18.81 -23.70 -4.76
N ILE B 159 -17.65 -24.29 -4.48
CA ILE B 159 -17.49 -25.74 -4.48
C ILE B 159 -18.37 -26.36 -3.39
N PHE B 160 -18.26 -25.84 -2.18
CA PHE B 160 -18.88 -26.47 -1.02
C PHE B 160 -20.40 -26.40 -0.97
N GLN B 161 -21.04 -25.65 -1.87
CA GLN B 161 -22.49 -25.44 -1.74
C GLN B 161 -23.32 -26.72 -1.83
N SER B 162 -22.90 -27.67 -2.67
CA SER B 162 -23.64 -28.93 -2.79
C SER B 162 -23.73 -29.65 -1.44
N SER B 163 -22.62 -29.68 -0.72
CA SER B 163 -22.57 -30.23 0.63
C SER B 163 -23.31 -29.34 1.64
N MET B 164 -23.31 -28.04 1.37
CA MET B 164 -24.00 -27.06 2.23
C MET B 164 -25.51 -27.26 2.17
N THR B 165 -26.03 -27.49 0.96
CA THR B 165 -27.46 -27.74 0.77
C THR B 165 -27.95 -28.93 1.59
N LYS B 166 -27.15 -29.99 1.58
CA LYS B 166 -27.46 -31.19 2.34
C LYS B 166 -27.57 -30.86 3.82
N ILE B 167 -26.53 -30.22 4.35
CA ILE B 167 -26.49 -29.86 5.76
C ILE B 167 -27.75 -29.06 6.14
N LEU B 168 -28.13 -28.13 5.26
CA LEU B 168 -29.23 -27.21 5.54
C LEU B 168 -30.64 -27.76 5.24
N GLU B 169 -30.72 -28.78 4.37
CA GLU B 169 -32.00 -29.31 3.87
C GLU B 169 -33.06 -29.50 4.97
N PRO B 170 -32.73 -30.26 6.03
CA PRO B 170 -33.71 -30.48 7.09
C PRO B 170 -34.19 -29.17 7.71
N PHE B 171 -33.26 -28.25 7.97
CA PHE B 171 -33.59 -26.96 8.58
C PHE B 171 -34.49 -26.13 7.66
N ARG B 172 -34.18 -26.15 6.37
CA ARG B 172 -34.97 -25.42 5.37
C ARG B 172 -36.38 -25.99 5.30
N LYS B 173 -36.47 -27.31 5.15
CA LYS B 173 -37.75 -28.02 5.13
C LYS B 173 -38.59 -27.63 6.36
N GLN B 174 -37.99 -27.69 7.54
CA GLN B 174 -38.70 -27.43 8.80
C GLN B 174 -39.02 -25.95 9.06
N ASN B 175 -38.28 -25.05 8.41
CA ASN B 175 -38.50 -23.60 8.57
C ASN B 175 -38.43 -22.89 7.22
N PRO B 176 -39.51 -22.96 6.42
CA PRO B 176 -39.42 -22.48 5.04
C PRO B 176 -39.59 -20.96 4.91
N ASP B 177 -39.94 -20.29 6.01
CA ASP B 177 -39.94 -18.83 6.07
C ASP B 177 -38.62 -18.27 6.61
N ILE B 178 -37.64 -19.13 6.83
CA ILE B 178 -36.29 -18.69 7.18
C ILE B 178 -35.44 -18.78 5.93
N VAL B 179 -34.78 -17.68 5.62
CA VAL B 179 -33.96 -17.58 4.41
C VAL B 179 -32.48 -17.59 4.80
N ILE B 180 -31.68 -18.34 4.04
CA ILE B 180 -30.28 -18.54 4.35
C ILE B 180 -29.45 -18.27 3.10
N TYR B 181 -28.46 -17.40 3.25
CA TYR B 181 -27.58 -17.05 2.17
C TYR B 181 -26.16 -17.32 2.59
N GLN B 182 -25.37 -17.83 1.66
CA GLN B 182 -23.98 -18.15 1.93
C GLN B 182 -23.13 -17.15 1.17
N TYR B 183 -22.30 -16.41 1.90
CA TYR B 183 -21.31 -15.55 1.29
C TYR B 183 -19.97 -15.82 1.94
N MET B 184 -18.97 -16.13 1.12
CA MET B 184 -17.60 -16.34 1.58
C MET B 184 -17.52 -17.39 2.71
N ASP B 185 -17.18 -16.98 3.91
CA ASP B 185 -17.03 -17.91 5.03
C ASP B 185 -18.26 -17.88 5.92
N ASP B 186 -19.27 -17.13 5.51
CA ASP B 186 -20.40 -16.80 6.37
C ASP B 186 -21.76 -17.28 5.85
N LEU B 187 -22.61 -17.71 6.77
CA LEU B 187 -24.02 -17.96 6.50
C LEU B 187 -24.82 -16.76 6.98
N TYR B 188 -25.63 -16.19 6.10
CA TYR B 188 -26.56 -15.14 6.49
C TYR B 188 -27.94 -15.74 6.66
N VAL B 189 -28.41 -15.77 7.91
CA VAL B 189 -29.63 -16.47 8.27
C VAL B 189 -30.65 -15.50 8.86
N GLY B 190 -31.73 -15.24 8.11
CA GLY B 190 -32.74 -14.27 8.49
C GLY B 190 -34.16 -14.81 8.67
N SER B 191 -34.86 -14.25 9.65
CA SER B 191 -36.23 -14.64 9.93
C SER B 191 -37.03 -13.43 10.42
N ASP B 192 -38.35 -13.60 10.45
CA ASP B 192 -39.25 -12.57 10.96
C ASP B 192 -39.77 -12.94 12.36
N LEU B 193 -39.18 -13.98 12.96
CA LEU B 193 -39.58 -14.40 14.30
C LEU B 193 -39.25 -13.30 15.32
N GLU B 194 -39.85 -13.38 16.50
CA GLU B 194 -39.44 -12.52 17.61
C GLU B 194 -38.03 -12.88 18.01
N ILE B 195 -37.33 -11.90 18.59
CA ILE B 195 -35.89 -12.02 18.87
C ILE B 195 -35.53 -13.30 19.64
N GLY B 196 -36.32 -13.66 20.65
CA GLY B 196 -36.10 -14.89 21.41
C GLY B 196 -36.19 -16.13 20.53
N GLN B 197 -37.25 -16.21 19.73
CA GLN B 197 -37.48 -17.35 18.86
C GLN B 197 -36.44 -17.40 17.76
N HIS B 198 -36.02 -16.21 17.30
CA HIS B 198 -35.01 -16.10 16.26
C HIS B 198 -33.73 -16.75 16.74
N ARG B 199 -33.26 -16.30 17.90
CA ARG B 199 -32.03 -16.82 18.51
C ARG B 199 -32.15 -18.32 18.75
N THR B 200 -33.28 -18.73 19.31
CA THR B 200 -33.57 -20.15 19.51
C THR B 200 -33.41 -20.92 18.21
N LYS B 201 -33.84 -20.34 17.10
CA LYS B 201 -33.71 -20.98 15.80
C LYS B 201 -32.28 -21.00 15.28
N ILE B 202 -31.50 -19.97 15.63
CA ILE B 202 -30.09 -19.92 15.22
C ILE B 202 -29.30 -21.03 15.93
N GLU B 203 -29.52 -21.16 17.23
CA GLU B 203 -28.89 -22.24 18.01
C GLU B 203 -29.23 -23.60 17.44
N GLU B 204 -30.47 -23.78 16.97
CA GLU B 204 -30.87 -25.01 16.29
C GLU B 204 -30.02 -25.25 15.04
N LEU B 205 -29.84 -24.21 14.23
CA LEU B 205 -29.04 -24.31 13.03
C LEU B 205 -27.58 -24.65 13.36
N ARG B 206 -27.09 -24.16 14.50
CA ARG B 206 -25.73 -24.50 14.95
C ARG B 206 -25.55 -25.99 15.15
N GLN B 207 -26.53 -26.62 15.80
CA GLN B 207 -26.48 -28.05 16.07
C GLN B 207 -26.39 -28.84 14.77
N HIS B 208 -27.26 -28.52 13.82
CA HIS B 208 -27.22 -29.14 12.50
C HIS B 208 -25.79 -29.12 11.96
N LEU B 209 -25.21 -27.94 11.87
CA LEU B 209 -23.85 -27.76 11.36
C LEU B 209 -22.86 -28.57 12.18
N LEU B 210 -23.01 -28.49 13.51
CA LEU B 210 -22.17 -29.22 14.46
C LEU B 210 -21.95 -30.66 14.01
N ARG B 211 -23.04 -31.33 13.63
CA ARG B 211 -22.98 -32.74 13.25
C ARG B 211 -22.14 -33.03 12.02
N TRP B 212 -21.74 -31.98 11.29
CA TRP B 212 -20.95 -32.17 10.08
C TRP B 212 -19.50 -31.73 10.20
N GLY B 213 -19.20 -30.76 11.08
CA GLY B 213 -17.85 -30.24 11.19
C GLY B 213 -17.67 -28.96 11.99
N LEU B 214 -18.66 -28.06 11.93
CA LEU B 214 -18.61 -26.80 12.69
C LEU B 214 -19.07 -26.94 14.14
N TRP B 229 -19.94 -1.52 15.03
CA TRP B 229 -20.66 -1.99 13.85
C TRP B 229 -21.37 -3.33 14.12
N MET B 230 -22.12 -3.82 13.14
CA MET B 230 -23.05 -4.97 13.29
C MET B 230 -23.86 -4.91 14.60
N GLY B 231 -23.27 -5.39 15.69
CA GLY B 231 -23.93 -5.42 17.00
C GLY B 231 -24.92 -6.57 17.17
N TYR B 232 -24.38 -7.79 17.29
CA TYR B 232 -25.16 -9.00 17.60
C TYR B 232 -25.87 -9.58 16.35
N GLU B 233 -27.01 -9.01 15.97
CA GLU B 233 -27.71 -9.40 14.75
C GLU B 233 -28.10 -8.15 13.96
N LEU B 234 -28.13 -8.28 12.64
CA LEU B 234 -28.57 -7.20 11.76
C LEU B 234 -30.09 -7.18 11.77
N HIS B 235 -30.66 -6.02 11.44
CA HIS B 235 -32.12 -5.86 11.36
C HIS B 235 -32.48 -5.06 10.11
N PRO B 236 -32.41 -5.71 8.94
CA PRO B 236 -32.50 -5.09 7.60
C PRO B 236 -33.74 -4.23 7.32
N ASP B 237 -34.93 -4.67 7.72
CA ASP B 237 -36.16 -3.91 7.46
C ASP B 237 -36.15 -2.53 8.12
N LYS B 238 -35.43 -2.37 9.22
CA LYS B 238 -35.25 -1.06 9.85
C LYS B 238 -33.97 -0.36 9.36
N TRP B 239 -33.55 -0.65 8.13
CA TRP B 239 -32.52 0.14 7.45
C TRP B 239 -33.24 1.15 6.57
N THR B 240 -32.81 2.40 6.66
CA THR B 240 -33.42 3.49 5.91
C THR B 240 -32.36 4.44 5.37
N VAL B 241 -32.69 5.11 4.26
CA VAL B 241 -31.80 6.10 3.66
C VAL B 241 -31.55 7.24 4.64
N GLN B 242 -30.37 7.84 4.54
CA GLN B 242 -30.05 9.08 5.23
C GLN B 242 -30.35 10.23 4.27
N PRO B 243 -31.52 10.89 4.41
CA PRO B 243 -31.85 11.96 3.47
C PRO B 243 -30.84 13.09 3.51
N ILE B 244 -30.63 13.73 2.36
CA ILE B 244 -29.87 14.98 2.30
C ILE B 244 -30.66 15.99 3.11
N VAL B 245 -30.10 16.41 4.24
CA VAL B 245 -30.86 17.14 5.26
C VAL B 245 -30.91 18.64 4.99
N LEU B 246 -32.11 19.14 4.68
CA LEU B 246 -32.33 20.57 4.47
C LEU B 246 -32.78 21.18 5.79
N PRO B 247 -32.00 22.11 6.34
CA PRO B 247 -32.32 22.66 7.66
C PRO B 247 -33.60 23.48 7.62
N GLU B 248 -34.28 23.58 8.77
CA GLU B 248 -35.54 24.32 8.85
C GLU B 248 -35.32 25.80 9.16
N LYS B 249 -34.43 26.08 10.13
CA LYS B 249 -33.95 27.44 10.43
C LYS B 249 -35.01 28.53 10.66
N ASP B 250 -35.04 29.03 11.90
CA ASP B 250 -35.76 30.24 12.26
C ASP B 250 -35.48 31.41 11.30
N SER B 251 -34.19 31.69 11.08
CA SER B 251 -33.75 32.82 10.27
C SER B 251 -32.69 32.38 9.26
N TRP B 252 -32.77 32.91 8.04
CA TRP B 252 -31.88 32.52 6.96
C TRP B 252 -31.03 33.69 6.49
N THR B 253 -29.70 33.53 6.53
CA THR B 253 -28.77 34.53 5.98
C THR B 253 -28.47 34.21 4.53
N VAL B 254 -27.84 35.15 3.83
CA VAL B 254 -27.49 34.96 2.42
C VAL B 254 -26.63 33.71 2.27
N ASN B 255 -25.62 33.58 3.12
CA ASN B 255 -24.77 32.40 3.14
C ASN B 255 -25.63 31.14 3.23
N ASP B 256 -26.52 31.11 4.21
CA ASP B 256 -27.34 29.92 4.45
C ASP B 256 -28.14 29.49 3.21
N ILE B 257 -28.58 30.48 2.44
CA ILE B 257 -29.32 30.20 1.21
C ILE B 257 -28.37 29.65 0.15
N GLN B 258 -27.21 30.29 0.01
CA GLN B 258 -26.18 29.84 -0.91
C GLN B 258 -25.84 28.37 -0.66
N LYS B 259 -25.58 28.05 0.60
CA LYS B 259 -25.34 26.68 1.03
C LYS B 259 -26.50 25.78 0.64
N LEU B 260 -27.72 26.26 0.87
CA LEU B 260 -28.92 25.49 0.54
C LEU B 260 -29.10 25.31 -0.97
N VAL B 261 -28.75 26.33 -1.74
CA VAL B 261 -28.82 26.26 -3.21
C VAL B 261 -27.83 25.24 -3.75
N GLY B 262 -26.63 25.21 -3.18
CA GLY B 262 -25.58 24.28 -3.59
C GLY B 262 -25.99 22.84 -3.42
N LYS B 263 -26.55 22.51 -2.26
CA LYS B 263 -27.12 21.17 -2.00
C LYS B 263 -28.14 20.83 -3.08
N LEU B 264 -29.12 21.71 -3.25
CA LEU B 264 -30.24 21.48 -4.14
C LEU B 264 -29.83 21.45 -5.61
N ASN B 265 -28.79 22.20 -5.95
CA ASN B 265 -28.25 22.17 -7.32
C ASN B 265 -27.58 20.84 -7.61
N TRP B 266 -26.92 20.28 -6.60
CA TRP B 266 -26.21 19.02 -6.76
C TRP B 266 -27.14 17.81 -6.56
N ALA B 267 -28.16 17.96 -5.73
CA ALA B 267 -29.17 16.90 -5.55
C ALA B 267 -29.96 16.68 -6.83
N SER B 268 -30.20 17.77 -7.57
CA SER B 268 -30.96 17.71 -8.82
C SER B 268 -30.28 16.86 -9.87
N GLN B 269 -28.97 16.67 -9.72
CA GLN B 269 -28.22 15.77 -10.59
C GLN B 269 -28.45 14.30 -10.24
N ILE B 270 -29.12 14.04 -9.12
CA ILE B 270 -29.49 12.68 -8.72
C ILE B 270 -31.01 12.47 -8.78
N TYR B 271 -31.76 13.41 -8.19
CA TYR B 271 -33.20 13.23 -7.99
C TYR B 271 -34.06 13.95 -9.05
N PRO B 272 -34.80 13.17 -9.85
CA PRO B 272 -35.82 13.79 -10.72
C PRO B 272 -36.81 14.66 -9.97
N GLY B 273 -36.84 15.95 -10.30
CA GLY B 273 -37.88 16.87 -9.80
C GLY B 273 -37.41 17.91 -8.79
N ILE B 274 -36.12 17.91 -8.46
CA ILE B 274 -35.57 18.90 -7.55
C ILE B 274 -35.58 20.24 -8.25
N LYS B 275 -36.08 21.28 -7.59
CA LYS B 275 -36.11 22.62 -8.15
C LYS B 275 -35.47 23.65 -7.20
N VAL B 276 -34.78 24.62 -7.80
CA VAL B 276 -33.96 25.62 -7.09
C VAL B 276 -34.28 27.08 -7.49
N ARG B 277 -35.18 27.25 -8.44
CA ARG B 277 -35.50 28.55 -9.03
C ARG B 277 -36.03 29.55 -8.00
N GLN B 278 -37.00 29.12 -7.19
CA GLN B 278 -37.63 29.99 -6.20
C GLN B 278 -36.65 30.53 -5.15
N LEU B 279 -35.52 29.85 -4.99
CA LEU B 279 -34.49 30.27 -4.04
C LEU B 279 -33.51 31.30 -4.63
N CYS B 280 -33.25 31.21 -5.93
CA CYS B 280 -32.41 32.22 -6.61
C CYS B 280 -33.03 33.59 -6.52
N LYS B 281 -34.35 33.63 -6.75
CA LYS B 281 -35.16 34.82 -6.53
C LYS B 281 -34.66 35.62 -5.32
N LEU B 282 -34.20 34.92 -4.28
CA LEU B 282 -33.74 35.57 -3.04
C LEU B 282 -32.41 36.29 -3.24
N LEU B 283 -31.41 35.60 -3.78
CA LEU B 283 -30.05 36.15 -3.90
C LEU B 283 -29.96 37.09 -5.10
N ARG B 284 -29.95 38.40 -4.82
CA ARG B 284 -30.33 39.44 -5.80
C ARG B 284 -29.24 39.87 -6.78
N GLY B 285 -28.13 40.40 -6.26
CA GLY B 285 -27.20 41.20 -7.08
C GLY B 285 -25.79 41.26 -6.55
N THR B 286 -25.62 41.61 -5.27
CA THR B 286 -24.30 41.60 -4.62
C THR B 286 -24.44 41.84 -3.11
N LYS B 287 -25.12 40.94 -2.41
CA LYS B 287 -25.38 41.12 -0.98
C LYS B 287 -24.22 40.63 -0.11
N ALA B 288 -24.13 41.18 1.11
CA ALA B 288 -23.22 40.66 2.13
C ALA B 288 -23.74 39.31 2.60
N LEU B 289 -22.82 38.35 2.76
CA LEU B 289 -23.16 36.99 3.18
C LEU B 289 -23.92 36.95 4.50
N THR B 290 -23.50 37.83 5.42
CA THR B 290 -24.05 37.90 6.76
C THR B 290 -25.51 38.42 6.83
N GLU B 291 -25.95 39.09 5.77
CA GLU B 291 -27.27 39.75 5.74
C GLU B 291 -28.44 38.78 5.75
N VAL B 292 -29.33 38.94 6.75
CA VAL B 292 -30.56 38.15 6.82
C VAL B 292 -31.52 38.53 5.68
N ILE B 293 -32.33 37.58 5.26
CA ILE B 293 -33.27 37.76 4.14
C ILE B 293 -34.51 36.88 4.38
N PRO B 294 -35.73 37.45 4.22
CA PRO B 294 -36.96 36.71 4.55
C PRO B 294 -37.27 35.50 3.65
N LEU B 295 -38.17 34.64 4.15
CA LEU B 295 -38.45 33.33 3.55
C LEU B 295 -39.73 33.33 2.71
N THR B 296 -39.56 33.57 1.40
CA THR B 296 -40.67 33.66 0.43
C THR B 296 -41.53 32.40 0.34
N GLU B 297 -42.77 32.57 -0.15
CA GLU B 297 -43.78 31.52 -0.17
C GLU B 297 -43.41 30.34 -1.06
N GLU B 298 -43.13 30.64 -2.33
CA GLU B 298 -42.80 29.60 -3.30
C GLU B 298 -41.48 28.93 -2.97
N ALA B 299 -40.54 29.72 -2.41
CA ALA B 299 -39.31 29.17 -1.87
C ALA B 299 -39.65 28.24 -0.72
N GLU B 300 -40.55 28.67 0.17
CA GLU B 300 -41.02 27.83 1.28
C GLU B 300 -41.57 26.49 0.79
N LEU B 301 -42.29 26.50 -0.33
CA LEU B 301 -42.89 25.29 -0.90
C LEU B 301 -41.86 24.42 -1.59
N GLU B 302 -41.13 25.03 -2.54
CA GLU B 302 -40.01 24.37 -3.21
C GLU B 302 -39.13 23.64 -2.20
N LEU B 303 -38.81 24.32 -1.10
CA LEU B 303 -38.05 23.72 0.00
C LEU B 303 -38.70 22.43 0.48
N ALA B 304 -39.95 22.51 0.91
CA ALA B 304 -40.65 21.37 1.51
C ALA B 304 -40.88 20.23 0.52
N GLU B 305 -41.10 20.60 -0.75
CA GLU B 305 -41.32 19.60 -1.80
C GLU B 305 -40.03 18.87 -2.19
N ASN B 306 -38.91 19.59 -2.13
CA ASN B 306 -37.61 18.94 -2.26
C ASN B 306 -37.39 17.98 -1.09
N ARG B 307 -37.72 18.43 0.12
CA ARG B 307 -37.56 17.60 1.32
C ARG B 307 -38.21 16.23 1.17
N GLU B 308 -39.45 16.23 0.69
CA GLU B 308 -40.21 15.00 0.53
C GLU B 308 -39.58 14.07 -0.50
N ILE B 309 -38.98 14.65 -1.54
CA ILE B 309 -38.31 13.87 -2.59
C ILE B 309 -37.14 13.09 -2.02
N LEU B 310 -36.37 13.76 -1.18
CA LEU B 310 -35.11 13.24 -0.64
C LEU B 310 -35.32 12.17 0.45
N LYS B 311 -36.52 12.15 1.06
CA LYS B 311 -36.95 11.02 1.90
C LYS B 311 -36.92 9.72 1.11
N GLU B 312 -37.59 9.75 -0.05
CA GLU B 312 -37.72 8.59 -0.93
C GLU B 312 -36.42 8.22 -1.63
N PRO B 313 -36.36 6.99 -2.19
CA PRO B 313 -35.19 6.60 -2.97
C PRO B 313 -35.15 7.31 -4.32
N VAL B 314 -34.06 7.13 -5.05
CA VAL B 314 -33.87 7.81 -6.31
C VAL B 314 -34.64 7.12 -7.42
N HIS B 315 -35.55 7.86 -8.04
CA HIS B 315 -36.26 7.36 -9.20
C HIS B 315 -35.30 7.30 -10.38
N GLY B 316 -35.27 6.15 -11.05
CA GLY B 316 -34.45 5.95 -12.23
C GLY B 316 -33.22 5.08 -12.04
N VAL B 317 -32.83 4.84 -10.80
CA VAL B 317 -31.59 4.11 -10.51
C VAL B 317 -31.88 2.69 -9.99
N TYR B 318 -31.30 1.70 -10.67
CA TYR B 318 -31.51 0.31 -10.34
C TYR B 318 -30.20 -0.47 -10.32
N TYR B 319 -30.16 -1.51 -9.51
CA TYR B 319 -28.99 -2.37 -9.39
C TYR B 319 -28.79 -3.23 -10.64
N ASP B 320 -27.64 -3.08 -11.28
CA ASP B 320 -27.26 -3.90 -12.42
C ASP B 320 -26.21 -4.89 -11.92
N PRO B 321 -26.56 -6.18 -11.84
CA PRO B 321 -25.60 -7.19 -11.37
C PRO B 321 -24.31 -7.34 -12.19
N SER B 322 -24.26 -6.80 -13.41
CA SER B 322 -23.05 -6.86 -14.25
C SER B 322 -22.01 -5.77 -13.93
N LYS B 323 -22.46 -4.68 -13.32
CA LYS B 323 -21.58 -3.57 -12.93
C LYS B 323 -21.06 -3.73 -11.50
N ASP B 324 -19.88 -3.16 -11.24
CA ASP B 324 -19.32 -3.11 -9.89
C ASP B 324 -20.08 -2.08 -9.03
N LEU B 325 -20.31 -2.43 -7.76
CA LEU B 325 -20.81 -1.49 -6.76
C LEU B 325 -19.62 -0.72 -6.22
N ILE B 326 -19.79 0.56 -5.95
CA ILE B 326 -18.72 1.34 -5.36
C ILE B 326 -19.30 2.14 -4.19
N ALA B 327 -18.47 2.38 -3.18
CA ALA B 327 -18.88 3.10 -1.97
C ALA B 327 -17.95 4.27 -1.71
N GLU B 328 -18.53 5.43 -1.41
CA GLU B 328 -17.78 6.58 -0.96
C GLU B 328 -18.17 6.88 0.47
N ILE B 329 -17.18 7.24 1.29
CA ILE B 329 -17.40 7.58 2.69
C ILE B 329 -16.76 8.92 2.98
N GLN B 330 -17.49 9.80 3.68
CA GLN B 330 -16.97 11.11 4.09
C GLN B 330 -16.83 11.19 5.60
N LYS B 331 -15.75 11.79 6.07
CA LYS B 331 -15.54 12.04 7.49
C LYS B 331 -16.28 13.30 7.88
N GLN B 332 -17.34 13.16 8.67
CA GLN B 332 -18.13 14.32 9.08
C GLN B 332 -17.70 14.93 10.43
N GLY B 333 -16.62 14.43 11.01
CA GLY B 333 -16.13 14.94 12.28
C GLY B 333 -17.00 14.53 13.45
N GLN B 334 -16.46 14.64 14.66
CA GLN B 334 -17.16 14.20 15.88
C GLN B 334 -17.61 12.74 15.78
N GLY B 335 -16.74 11.88 15.24
CA GLY B 335 -17.04 10.45 15.13
C GLY B 335 -18.15 10.10 14.16
N GLN B 336 -18.51 11.06 13.31
CA GLN B 336 -19.58 10.91 12.33
C GLN B 336 -18.96 10.55 11.01
N TRP B 337 -19.58 9.61 10.31
CA TRP B 337 -19.20 9.27 8.95
C TRP B 337 -20.48 9.11 8.14
N THR B 338 -20.41 9.53 6.88
CA THR B 338 -21.53 9.39 5.98
C THR B 338 -21.05 8.57 4.81
N TYR B 339 -21.96 7.91 4.12
CA TYR B 339 -21.58 7.06 3.00
C TYR B 339 -22.69 6.85 1.99
N GLN B 340 -22.29 6.58 0.75
CA GLN B 340 -23.22 6.32 -0.34
C GLN B 340 -22.73 5.17 -1.22
N ILE B 341 -23.67 4.32 -1.63
CA ILE B 341 -23.38 3.23 -2.55
C ILE B 341 -24.09 3.50 -3.87
N TYR B 342 -23.35 3.31 -4.95
CA TYR B 342 -23.86 3.54 -6.30
C TYR B 342 -23.05 2.73 -7.29
N GLN B 343 -23.54 2.64 -8.53
CA GLN B 343 -22.82 1.98 -9.60
C GLN B 343 -22.35 2.99 -10.63
N GLU B 344 -23.23 3.91 -11.02
CA GLU B 344 -22.85 5.05 -11.86
C GLU B 344 -22.80 6.30 -10.99
N PRO B 345 -21.64 7.00 -10.98
CA PRO B 345 -21.36 8.15 -10.10
C PRO B 345 -22.55 9.04 -9.74
N PHE B 346 -22.78 9.14 -8.42
CA PHE B 346 -23.78 10.03 -7.84
C PHE B 346 -25.21 9.57 -8.10
N LYS B 347 -25.40 8.38 -8.67
CA LYS B 347 -26.72 7.76 -8.81
C LYS B 347 -26.91 6.70 -7.73
N ASN B 348 -27.34 7.15 -6.55
CA ASN B 348 -27.20 6.37 -5.32
C ASN B 348 -28.26 5.29 -5.10
N LEU B 349 -27.80 4.06 -4.98
CA LEU B 349 -28.66 2.94 -4.57
C LEU B 349 -28.94 3.02 -3.07
N LYS B 350 -28.03 3.61 -2.32
CA LYS B 350 -28.19 3.74 -0.87
C LYS B 350 -27.25 4.79 -0.31
N THR B 351 -27.74 5.51 0.70
CA THR B 351 -26.94 6.46 1.45
C THR B 351 -27.18 6.16 2.92
N GLY B 352 -26.19 6.47 3.76
CA GLY B 352 -26.32 6.23 5.20
C GLY B 352 -25.33 7.00 6.06
N LYS B 353 -25.25 6.58 7.32
CA LYS B 353 -24.46 7.26 8.33
C LYS B 353 -23.74 6.23 9.20
N TYR B 354 -22.69 6.66 9.90
CA TYR B 354 -22.06 5.81 10.91
C TYR B 354 -21.58 6.62 12.11
N ALA B 355 -21.83 6.08 13.31
CA ALA B 355 -21.29 6.66 14.55
C ALA B 355 -21.17 5.61 15.65
N THR B 362 -12.64 4.83 18.44
CA THR B 362 -12.18 5.99 19.19
C THR B 362 -11.08 6.78 18.45
N ASN B 363 -10.51 6.21 17.38
CA ASN B 363 -9.63 6.96 16.47
C ASN B 363 -10.08 6.84 15.02
N ASP B 364 -9.58 7.74 14.17
CA ASP B 364 -10.07 7.85 12.79
C ASP B 364 -10.05 6.52 12.03
N VAL B 365 -8.92 5.83 12.05
CA VAL B 365 -8.79 4.59 11.29
C VAL B 365 -9.68 3.50 11.85
N LYS B 366 -9.71 3.38 13.17
CA LYS B 366 -10.57 2.38 13.84
C LYS B 366 -12.02 2.54 13.40
N GLN B 367 -12.50 3.78 13.40
CA GLN B 367 -13.87 4.07 13.01
C GLN B 367 -14.05 3.84 11.53
N LEU B 368 -13.10 4.34 10.75
CA LEU B 368 -13.16 4.18 9.31
C LEU B 368 -13.29 2.71 8.98
N THR B 369 -12.50 1.86 9.63
CA THR B 369 -12.57 0.41 9.37
C THR B 369 -13.91 -0.20 9.82
N GLU B 370 -14.47 0.30 10.92
CA GLU B 370 -15.79 -0.16 11.35
C GLU B 370 -16.84 0.15 10.28
N ALA B 371 -16.79 1.37 9.76
CA ALA B 371 -17.73 1.82 8.75
C ALA B 371 -17.62 0.97 7.49
N VAL B 372 -16.40 0.65 7.10
CA VAL B 372 -16.20 -0.18 5.92
C VAL B 372 -16.92 -1.50 6.17
N GLN B 373 -16.54 -2.16 7.25
CA GLN B 373 -17.13 -3.46 7.56
C GLN B 373 -18.66 -3.39 7.53
N LYS B 374 -19.23 -2.44 8.26
CA LYS B 374 -20.68 -2.23 8.28
C LYS B 374 -21.28 -2.12 6.87
N ILE B 375 -20.81 -1.13 6.11
CA ILE B 375 -21.29 -0.86 4.76
C ILE B 375 -21.15 -2.10 3.88
N THR B 376 -20.04 -2.81 4.02
CA THR B 376 -19.82 -4.04 3.25
C THR B 376 -20.83 -5.13 3.61
N THR B 377 -21.15 -5.25 4.90
CA THR B 377 -22.19 -6.18 5.35
C THR B 377 -23.52 -5.84 4.68
N GLU B 378 -23.92 -4.58 4.74
CA GLU B 378 -25.19 -4.16 4.16
C GLU B 378 -25.18 -4.52 2.68
N SER B 379 -24.08 -4.17 2.02
CA SER B 379 -23.92 -4.43 0.61
C SER B 379 -24.14 -5.91 0.29
N ILE B 380 -23.64 -6.78 1.17
CA ILE B 380 -23.81 -8.23 1.00
C ILE B 380 -25.26 -8.66 1.20
N VAL B 381 -25.89 -8.19 2.28
CA VAL B 381 -27.28 -8.52 2.56
C VAL B 381 -28.21 -8.03 1.46
N ILE B 382 -27.87 -6.91 0.81
CA ILE B 382 -28.77 -6.28 -0.15
C ILE B 382 -28.58 -6.71 -1.61
N TRP B 383 -27.34 -6.79 -2.08
CA TRP B 383 -27.10 -7.15 -3.49
C TRP B 383 -26.28 -8.41 -3.70
N GLY B 384 -25.84 -9.03 -2.61
CA GLY B 384 -25.04 -10.25 -2.71
C GLY B 384 -23.60 -10.02 -3.13
N LYS B 385 -23.15 -8.77 -3.11
CA LYS B 385 -21.71 -8.48 -3.26
C LYS B 385 -21.24 -7.21 -2.56
N THR B 386 -19.92 -7.10 -2.43
CA THR B 386 -19.27 -6.02 -1.71
C THR B 386 -18.86 -4.92 -2.68
N PRO B 387 -18.89 -3.64 -2.24
CA PRO B 387 -18.51 -2.55 -3.12
C PRO B 387 -17.01 -2.23 -3.07
N LYS B 388 -16.48 -1.63 -4.15
CA LYS B 388 -15.13 -1.08 -4.14
C LYS B 388 -15.16 0.26 -3.40
N PHE B 389 -14.40 0.36 -2.32
CA PHE B 389 -14.47 1.56 -1.47
C PHE B 389 -13.56 2.68 -1.94
N LYS B 390 -14.07 3.90 -1.83
CA LYS B 390 -13.28 5.11 -2.05
C LYS B 390 -13.01 5.73 -0.69
N LEU B 391 -11.87 5.36 -0.09
CA LEU B 391 -11.56 5.69 1.30
C LEU B 391 -10.75 6.98 1.42
N PRO B 392 -11.23 7.94 2.25
CA PRO B 392 -10.54 9.21 2.44
C PRO B 392 -9.40 9.12 3.46
N ILE B 393 -8.26 8.62 3.03
CA ILE B 393 -7.11 8.40 3.90
C ILE B 393 -5.89 8.13 3.05
N GLN B 394 -4.70 8.45 3.56
CA GLN B 394 -3.45 8.19 2.84
C GLN B 394 -3.20 6.69 2.76
N LYS B 395 -2.93 6.21 1.54
CA LYS B 395 -2.71 4.79 1.30
C LYS B 395 -2.01 4.08 2.46
N GLU B 396 -0.84 4.60 2.84
CA GLU B 396 0.07 3.89 3.75
C GLU B 396 -0.43 3.82 5.19
N THR B 397 -1.10 4.88 5.64
CA THR B 397 -1.75 4.88 6.96
C THR B 397 -2.73 3.71 7.04
N TRP B 398 -3.57 3.59 6.02
CA TRP B 398 -4.58 2.54 5.98
C TRP B 398 -3.93 1.16 5.92
N GLU B 399 -2.91 1.01 5.07
CA GLU B 399 -2.27 -0.28 4.90
C GLU B 399 -1.54 -0.70 6.17
N THR B 400 -0.98 0.28 6.89
CA THR B 400 -0.32 0.00 8.17
C THR B 400 -1.30 -0.46 9.24
N TRP B 401 -2.49 0.12 9.27
CA TRP B 401 -3.35 0.04 10.44
C TRP B 401 -4.69 -0.67 10.27
N TRP B 402 -5.14 -0.91 9.04
CA TRP B 402 -6.51 -1.41 8.85
C TRP B 402 -6.74 -2.73 9.57
N THR B 403 -5.71 -3.57 9.58
CA THR B 403 -5.79 -4.90 10.16
C THR B 403 -5.90 -4.87 11.67
N GLU B 404 -5.45 -3.77 12.29
CA GLU B 404 -5.41 -3.69 13.74
C GLU B 404 -6.79 -3.75 14.39
N TYR B 405 -7.81 -3.32 13.65
CA TYR B 405 -9.19 -3.26 14.15
C TYR B 405 -10.17 -4.06 13.26
N TRP B 406 -9.65 -4.75 12.25
CA TRP B 406 -10.47 -5.48 11.29
C TRP B 406 -10.96 -6.80 11.87
N GLN B 407 -12.26 -7.07 11.69
CA GLN B 407 -12.90 -8.25 12.24
C GLN B 407 -13.50 -9.18 11.18
N ALA B 408 -13.57 -8.73 9.92
CA ALA B 408 -14.26 -9.49 8.88
C ALA B 408 -13.44 -10.68 8.39
N THR B 409 -14.14 -11.66 7.81
CA THR B 409 -13.48 -12.81 7.18
C THR B 409 -13.11 -12.49 5.73
N TRP B 410 -13.78 -11.48 5.16
CA TRP B 410 -13.51 -11.01 3.80
C TRP B 410 -12.76 -9.68 3.84
N ILE B 411 -12.37 -9.20 2.66
CA ILE B 411 -11.70 -7.91 2.51
C ILE B 411 -12.25 -7.26 1.24
N PRO B 412 -12.94 -6.11 1.36
CA PRO B 412 -13.49 -5.46 0.17
C PRO B 412 -12.39 -4.74 -0.60
N GLU B 413 -12.67 -4.38 -1.84
CA GLU B 413 -11.68 -3.69 -2.65
C GLU B 413 -11.70 -2.21 -2.34
N TRP B 414 -10.51 -1.64 -2.16
CA TRP B 414 -10.42 -0.22 -1.86
C TRP B 414 -9.40 0.49 -2.73
N GLU B 415 -9.70 1.75 -3.01
CA GLU B 415 -8.72 2.69 -3.50
C GLU B 415 -8.75 3.87 -2.53
N PHE B 416 -7.85 4.82 -2.73
CA PHE B 416 -7.71 5.94 -1.80
C PHE B 416 -7.95 7.26 -2.52
N VAL B 417 -8.74 8.11 -1.90
CA VAL B 417 -9.25 9.30 -2.57
C VAL B 417 -9.28 10.50 -1.63
N ASN B 418 -8.93 11.68 -2.16
CA ASN B 418 -9.17 12.94 -1.48
C ASN B 418 -10.64 13.31 -1.59
N THR B 419 -11.32 13.52 -0.46
CA THR B 419 -12.72 13.94 -0.49
C THR B 419 -12.84 15.37 -1.02
N PRO B 420 -13.67 15.60 -2.06
CA PRO B 420 -14.02 16.98 -2.38
C PRO B 420 -14.70 17.60 -1.17
N PRO B 421 -14.18 18.72 -0.66
CA PRO B 421 -14.75 19.24 0.59
C PRO B 421 -16.24 19.60 0.49
N LEU B 422 -16.70 19.82 -0.73
CA LEU B 422 -18.11 20.14 -0.96
C LEU B 422 -19.00 18.95 -0.68
N VAL B 423 -18.68 17.79 -1.25
CA VAL B 423 -19.51 16.60 -1.04
C VAL B 423 -19.69 16.29 0.45
N LYS B 424 -18.64 16.48 1.25
CA LYS B 424 -18.71 16.34 2.70
C LYS B 424 -19.85 17.21 3.25
N LEU B 425 -19.93 18.43 2.72
CA LEU B 425 -20.91 19.42 3.15
C LEU B 425 -22.32 19.01 2.77
N TRP B 426 -22.48 18.54 1.53
CA TRP B 426 -23.80 18.23 0.99
C TRP B 426 -24.52 17.06 1.66
N TYR B 427 -23.77 16.19 2.34
CA TYR B 427 -24.36 15.05 3.07
C TYR B 427 -24.33 15.28 4.58
N GLN B 428 -24.75 16.48 4.99
CA GLN B 428 -24.57 16.98 6.35
C GLN B 428 -23.09 17.01 6.71
C1 PZ2 C . 28.46 -8.46 16.28
C2 PZ2 C . 29.20 -8.19 15.12
C3 PZ2 C . 30.53 -8.52 15.10
N4 PZ2 C . 31.07 -9.07 16.18
N5 PZ2 C . 30.41 -9.32 17.27
C6 PZ2 C . 29.11 -9.05 17.38
C7 PZ2 C . 27.07 -8.28 16.70
N8 PZ2 C . 28.19 -9.21 18.37
N9 PZ2 C . 26.96 -8.73 17.92
C10 PZ2 C . 25.92 -10.13 12.31
C11 PZ2 C . 25.37 -10.60 13.49
C12 PZ2 C . 25.38 -9.82 14.63
C13 PZ2 C . 25.95 -8.55 14.59
C14 PZ2 C . 26.49 -8.08 13.40
C15 PZ2 C . 26.48 -8.86 12.26
C16 PZ2 C . 24.92 -9.42 8.05
C17 PZ2 C . 26.13 -9.40 7.39
C18 PZ2 C . 27.27 -9.91 8.02
C19 PZ2 C . 27.17 -10.43 9.31
C20 PZ2 C . 25.96 -10.43 9.97
C21 PZ2 C . 24.83 -9.93 9.33
C22 PZ2 C . 23.68 -8.87 7.41
C23 PZ2 C . 28.53 -9.92 7.37
N24 PZ2 C . 29.54 -9.93 6.85
O25 PZ2 C . 25.87 -10.94 11.21
BR26 PZ2 C . 24.61 -12.33 13.54
C27 PZ2 C . 25.97 -7.70 15.84
#